data_2XVK
#
_entry.id   2XVK
#
_cell.length_a   156.524
_cell.length_b   156.524
_cell.length_c   227.762
_cell.angle_alpha   90.00
_cell.angle_beta   90.00
_cell.angle_gamma   120.00
#
_symmetry.space_group_name_H-M   'P 63 2 2'
#
loop_
_entity.id
_entity.type
_entity.pdbx_description
1 polymer 'ALPHA-XYLOSIDASE, PUTATIVE, XYL31A'
2 non-polymer 'CHLORIDE ION'
3 non-polymer 'NICKEL (II) ION'
4 non-polymer (2R,3S,5R,6S)-2,6-DIFLUOROOXANE-3,4,5-TRIOL
5 water water
#
_entity_poly.entity_id   1
_entity_poly.type   'polypeptide(L)'
_entity_poly.pdbx_seq_one_letter_code
;MLSAHQWLRHCIIGVASVALLQACSKQTGNESSSSAKSATEQVKALAQVERTAEGVVLTLPEGTVKKLRLQVMGERIIRV
TALPGTDFGIVPESIQVVAKPATNVPFSVDQAGEKLVLKTSQVSAEVSLLDGTVSFRDAKGNVLLQEENRGTFSPVIHDP
DPVDADSYALRQEFNRGSDEGFFGLGQHQNGQVNYAGENVELTTYNLVISIPFLVSSRNYGLLWDNNSITRFGDPREAQP
LNQSLKLYDAEGKEGGLTVRYFVGDELKLTRVEADFNHQFYKQGNELENPFPEEVAGAYKNNTLRIELEGSIEAQATGKH
QFKMYNSGYAQLSLDGEVVLDRWRMNWNPWYHNFYRELNAGDKHKLKVSWKPDGGFFHLRHLDPLPANEQHELSLASETG
KAIDYYFVAGDTKDDIISGYRQLTGKSVMLPKWAYGFWQSRERYKSSDEIIQNLKEYRDRKIPIDNIVLDWSYWPEDAWG
SHDFDKQFFPDPKALVDKVHAMNAQIMISVWPKFYPTTDNYKELNAKGFMFNRNLDEKNLDWIGKGYLNAFYDPFSPEAT
AIFWKQIRDKINVHGFDAWWLDAVEPDIHSNLTFEKRKWLMTPNARGNGAEIFNAYAVPHAEGVYQGELATDGDKRSFIL
TRSGFGGIQRTGSAIWSGDIVSRWSDMKDQIAAGIGTNLAGVTNWTFDIGGFTPEDRFRHGKKGFVGSWTALDAEQVDEW
QELNTRWYQFGAFVPLYRSHGQNPYREIFNIADEGTEVYNAMVWYTKLRYYLMPYIYTLGGDTYHKDGTIMRGLVMDFPN
DRKAWDINTQYMFGPAFLVNPVYEYKARSRDVYLPAGSDWYNFYTGEKLAGGQTITADAPLARVPLFVKAGAIVPTGPLI
QHVDEGLNSPLLITVYTGANGSFDIYEDDGRSLKYQQGEWSRIPLSYDDVTGTLIIGDRVGSFTGMADERNIRVRFIAGP
TADATNFDKAAAEAVTYTGKSVSIKRPRKVVINSKLEGKPIPNPLLGLDSTRTGHHHHHH
;
_entity_poly.pdbx_strand_id   A
#
# COMPACT_ATOMS: atom_id res chain seq x y z
N ALA A 45 40.93 0.88 -25.58
CA ALA A 45 40.73 -0.04 -24.45
C ALA A 45 39.25 -0.37 -24.24
N LEU A 46 38.62 -0.91 -25.29
CA LEU A 46 37.19 -1.26 -25.28
C LEU A 46 36.89 -2.53 -24.51
N ALA A 47 35.63 -2.70 -24.12
CA ALA A 47 35.20 -3.90 -23.43
C ALA A 47 35.08 -5.08 -24.39
N GLN A 48 35.21 -6.27 -23.83
CA GLN A 48 35.03 -7.51 -24.58
C GLN A 48 33.57 -7.95 -24.53
N VAL A 49 33.09 -8.46 -25.65
CA VAL A 49 31.68 -8.82 -25.75
C VAL A 49 31.48 -10.32 -25.95
N GLU A 50 30.59 -10.89 -25.13
CA GLU A 50 30.21 -12.28 -25.26
C GLU A 50 28.70 -12.38 -25.54
N ARG A 51 28.34 -13.00 -26.66
CA ARG A 51 26.95 -13.18 -27.03
C ARG A 51 26.36 -14.38 -26.29
N THR A 52 25.40 -14.14 -25.40
CA THR A 52 24.70 -15.24 -24.75
C THR A 52 23.39 -15.50 -25.47
N ALA A 53 22.66 -16.52 -25.03
CA ALA A 53 21.38 -16.84 -25.63
C ALA A 53 20.33 -15.85 -25.15
N GLU A 54 20.64 -15.10 -24.11
CA GLU A 54 19.66 -14.19 -23.53
C GLU A 54 20.08 -12.74 -23.73
N GLY A 55 21.26 -12.52 -24.28
CA GLY A 55 21.70 -11.17 -24.51
C GLY A 55 23.21 -11.06 -24.65
N VAL A 56 23.81 -10.21 -23.85
CA VAL A 56 25.26 -10.07 -23.89
C VAL A 56 25.86 -9.95 -22.51
N VAL A 57 27.15 -10.22 -22.45
CA VAL A 57 27.95 -10.04 -21.23
C VAL A 57 29.23 -9.32 -21.62
N LEU A 58 29.36 -8.07 -21.19
CA LEU A 58 30.56 -7.30 -21.40
C LEU A 58 31.55 -7.57 -20.27
N THR A 59 32.82 -7.74 -20.61
CA THR A 59 33.86 -7.72 -19.60
C THR A 59 34.64 -6.40 -19.73
N LEU A 60 34.31 -5.44 -18.86
CA LEU A 60 34.96 -4.14 -18.86
C LEU A 60 36.41 -4.28 -18.41
N PRO A 61 37.32 -3.58 -19.10
CA PRO A 61 38.76 -3.66 -18.80
C PRO A 61 39.18 -2.73 -17.65
N GLU A 62 38.32 -1.77 -17.31
CA GLU A 62 38.64 -0.75 -16.31
C GLU A 62 37.75 -0.87 -15.07
N GLY A 63 37.88 0.07 -14.15
CA GLY A 63 36.94 0.28 -13.07
C GLY A 63 36.59 -0.86 -12.11
N THR A 64 35.66 -0.54 -11.21
CA THR A 64 35.19 -1.46 -10.19
C THR A 64 34.20 -2.51 -10.74
N VAL A 65 33.23 -2.06 -11.55
CA VAL A 65 32.35 -3.00 -12.24
C VAL A 65 33.15 -3.75 -13.30
N LYS A 66 33.19 -5.08 -13.17
CA LYS A 66 34.00 -5.92 -14.03
C LYS A 66 33.19 -6.49 -15.19
N LYS A 67 31.95 -6.89 -14.89
CA LYS A 67 31.08 -7.46 -15.91
C LYS A 67 29.71 -6.77 -15.94
N LEU A 68 29.15 -6.63 -17.13
CA LEU A 68 27.85 -6.00 -17.26
C LEU A 68 26.98 -6.85 -18.17
N ARG A 69 26.00 -7.53 -17.58
CA ARG A 69 25.17 -8.45 -18.33
C ARG A 69 23.82 -7.86 -18.66
N LEU A 70 23.40 -8.07 -19.89
CA LEU A 70 22.05 -7.71 -20.30
C LEU A 70 21.29 -8.97 -20.66
N GLN A 71 20.09 -9.11 -20.14
CA GLN A 71 19.27 -10.26 -20.47
C GLN A 71 17.90 -9.85 -21.01
N VAL A 72 17.52 -10.42 -22.14
CA VAL A 72 16.21 -10.13 -22.67
C VAL A 72 15.19 -10.95 -21.89
N MET A 73 14.29 -10.27 -21.19
CA MET A 73 13.29 -10.95 -20.37
C MET A 73 11.96 -11.08 -21.09
N GLY A 74 11.73 -10.20 -22.06
CA GLY A 74 10.51 -10.20 -22.85
C GLY A 74 10.63 -9.20 -23.98
N GLU A 75 9.53 -8.97 -24.70
CA GLU A 75 9.57 -8.03 -25.81
C GLU A 75 9.89 -6.63 -25.30
N ARG A 76 9.42 -6.34 -24.08
CA ARG A 76 9.52 -5.00 -23.50
C ARG A 76 10.44 -4.90 -22.28
N ILE A 77 11.17 -5.97 -21.97
CA ILE A 77 11.85 -6.05 -20.67
C ILE A 77 13.28 -6.55 -20.79
N ILE A 78 14.22 -5.74 -20.32
CA ILE A 78 15.63 -6.11 -20.30
C ILE A 78 16.24 -6.02 -18.90
N ARG A 79 16.85 -7.11 -18.45
CA ARG A 79 17.51 -7.13 -17.16
C ARG A 79 18.91 -6.56 -17.32
N VAL A 80 19.32 -5.73 -16.36
CA VAL A 80 20.68 -5.19 -16.35
C VAL A 80 21.34 -5.67 -15.06
N THR A 81 22.52 -6.26 -15.20
CA THR A 81 23.26 -6.68 -14.02
C THR A 81 24.69 -6.19 -14.08
N ALA A 82 25.03 -5.24 -13.23
CA ALA A 82 26.40 -4.76 -13.12
C ALA A 82 27.12 -5.44 -11.96
N LEU A 83 28.17 -6.20 -12.27
CA LEU A 83 28.86 -7.06 -11.30
C LEU A 83 30.30 -6.59 -11.02
N PRO A 84 30.67 -6.48 -9.73
CA PRO A 84 32.04 -6.20 -9.32
C PRO A 84 32.79 -7.51 -9.09
N GLY A 85 32.88 -8.33 -10.13
CA GLY A 85 33.44 -9.67 -10.02
C GLY A 85 33.22 -10.40 -11.32
N THR A 86 33.55 -11.68 -11.34
CA THR A 86 33.52 -12.44 -12.58
C THR A 86 32.51 -13.56 -12.51
N ASP A 87 31.85 -13.68 -11.37
CA ASP A 87 30.98 -14.83 -11.12
C ASP A 87 29.56 -14.39 -10.76
N PHE A 88 28.72 -14.19 -11.78
CA PHE A 88 27.32 -13.82 -11.59
C PHE A 88 26.59 -14.79 -10.66
N GLY A 89 27.12 -16.00 -10.54
CA GLY A 89 26.55 -16.98 -9.64
C GLY A 89 26.43 -16.51 -8.20
N ILE A 90 27.19 -15.48 -7.80
CA ILE A 90 27.14 -15.00 -6.42
C ILE A 90 25.82 -14.28 -6.11
N VAL A 91 25.13 -13.87 -7.16
CA VAL A 91 23.87 -13.16 -7.03
C VAL A 91 22.79 -14.11 -6.54
N PRO A 92 22.07 -13.69 -5.50
CA PRO A 92 21.06 -14.55 -4.85
C PRO A 92 19.83 -14.73 -5.74
N GLU A 93 19.22 -15.90 -5.72
CA GLU A 93 17.98 -16.09 -6.45
C GLU A 93 16.94 -15.07 -5.96
N SER A 94 16.30 -14.42 -6.94
CA SER A 94 15.34 -13.36 -6.64
C SER A 94 14.22 -13.84 -5.74
N ILE A 95 13.74 -12.96 -4.86
CA ILE A 95 12.50 -13.20 -4.14
C ILE A 95 11.32 -12.54 -4.89
N GLN A 96 11.61 -11.51 -5.66
CA GLN A 96 10.57 -10.81 -6.41
C GLN A 96 10.30 -11.47 -7.74
N VAL A 97 11.37 -11.69 -8.50
CA VAL A 97 11.24 -12.17 -9.87
C VAL A 97 11.10 -13.69 -9.97
N VAL A 98 9.99 -14.13 -10.55
CA VAL A 98 9.79 -15.53 -10.84
C VAL A 98 10.01 -15.79 -12.33
N ALA A 99 10.35 -14.74 -13.06
CA ALA A 99 10.45 -14.85 -14.51
C ALA A 99 11.86 -15.21 -14.91
N LYS A 100 11.98 -16.08 -15.90
CA LYS A 100 13.31 -16.45 -16.38
C LYS A 100 13.51 -15.89 -17.79
N PRO A 101 14.78 -15.64 -18.17
CA PRO A 101 15.07 -15.05 -19.50
C PRO A 101 14.19 -15.65 -20.60
N ALA A 102 13.70 -14.81 -21.51
CA ALA A 102 12.88 -15.32 -22.59
C ALA A 102 13.69 -16.20 -23.55
N THR A 103 12.98 -17.14 -24.17
CA THR A 103 13.58 -18.00 -25.17
C THR A 103 12.98 -17.72 -26.54
N ASN A 104 11.75 -17.24 -26.58
CA ASN A 104 11.05 -17.04 -27.84
C ASN A 104 10.94 -15.57 -28.25
N VAL A 105 11.90 -14.75 -27.82
CA VAL A 105 11.89 -13.34 -28.15
C VAL A 105 13.03 -12.97 -29.09
N PRO A 106 12.68 -12.68 -30.35
CA PRO A 106 13.68 -12.30 -31.34
C PRO A 106 14.46 -11.11 -30.79
N PHE A 107 15.76 -11.08 -31.00
CA PHE A 107 16.49 -9.89 -30.64
C PHE A 107 17.75 -9.89 -31.46
N SER A 108 18.33 -8.71 -31.65
CA SER A 108 19.48 -8.57 -32.52
C SER A 108 20.54 -7.89 -31.71
N VAL A 109 21.80 -8.16 -32.05
CA VAL A 109 22.93 -7.54 -31.39
C VAL A 109 23.83 -7.00 -32.48
N ASP A 110 24.00 -5.70 -32.50
CA ASP A 110 24.86 -5.07 -33.47
C ASP A 110 25.93 -4.26 -32.76
N GLN A 111 27.15 -4.41 -33.24
CA GLN A 111 28.28 -3.77 -32.61
C GLN A 111 29.01 -2.93 -33.65
N ALA A 112 29.33 -1.68 -33.29
CA ALA A 112 30.13 -0.83 -34.15
C ALA A 112 30.73 0.32 -33.36
N GLY A 113 32.04 0.51 -33.54
CA GLY A 113 32.77 1.53 -32.81
C GLY A 113 32.84 1.23 -31.32
N GLU A 114 32.44 2.21 -30.51
CA GLU A 114 32.45 2.02 -29.08
C GLU A 114 31.06 2.07 -28.49
N LYS A 115 30.13 1.39 -29.16
CA LYS A 115 28.73 1.34 -28.77
C LYS A 115 28.14 0.01 -29.23
N LEU A 116 27.41 -0.64 -28.32
CA LEU A 116 26.79 -1.93 -28.62
C LEU A 116 25.28 -1.78 -28.56
N VAL A 117 24.59 -2.24 -29.60
CA VAL A 117 23.14 -2.18 -29.56
C VAL A 117 22.52 -3.58 -29.49
N LEU A 118 21.56 -3.70 -28.57
CA LEU A 118 20.80 -4.94 -28.36
C LEU A 118 19.35 -4.52 -28.41
N LYS A 119 18.58 -5.03 -29.34
CA LYS A 119 17.20 -4.58 -29.37
C LYS A 119 16.17 -5.65 -29.67
N THR A 120 14.98 -5.40 -29.15
CA THR A 120 13.82 -6.18 -29.53
C THR A 120 12.88 -5.34 -30.40
N SER A 121 11.72 -5.89 -30.68
CA SER A 121 10.73 -5.19 -31.47
C SER A 121 10.21 -3.94 -30.74
N GLN A 122 10.59 -3.76 -29.47
CA GLN A 122 9.96 -2.77 -28.59
C GLN A 122 10.92 -1.96 -27.71
N VAL A 123 12.14 -2.44 -27.57
CA VAL A 123 13.09 -1.83 -26.66
C VAL A 123 14.45 -1.89 -27.31
N SER A 124 15.28 -0.90 -27.01
CA SER A 124 16.58 -0.79 -27.61
C SER A 124 17.54 -0.31 -26.53
N ALA A 125 18.59 -1.08 -26.30
CA ALA A 125 19.58 -0.72 -25.29
C ALA A 125 20.93 -0.53 -25.91
N GLU A 126 21.47 0.67 -25.77
CA GLU A 126 22.78 0.99 -26.29
C GLU A 126 23.78 1.09 -25.13
N VAL A 127 24.76 0.18 -25.15
CA VAL A 127 25.81 0.17 -24.14
C VAL A 127 27.10 0.76 -24.68
N SER A 128 27.79 1.54 -23.87
CA SER A 128 29.09 2.06 -24.25
C SER A 128 30.15 1.01 -23.98
N LEU A 129 31.06 0.81 -24.93
CA LEU A 129 32.12 -0.16 -24.77
C LEU A 129 33.30 0.44 -24.01
N LEU A 130 33.13 1.71 -23.62
CA LEU A 130 34.13 2.45 -22.87
C LEU A 130 33.95 2.31 -21.37
N ASP A 131 32.74 2.57 -20.90
CA ASP A 131 32.45 2.64 -19.47
C ASP A 131 31.34 1.68 -19.01
N GLY A 132 30.60 1.13 -19.97
CA GLY A 132 29.58 0.14 -19.68
C GLY A 132 28.21 0.72 -19.40
N THR A 133 28.01 2.00 -19.71
CA THR A 133 26.71 2.64 -19.46
C THR A 133 25.66 2.37 -20.54
N VAL A 134 24.42 2.20 -20.09
CA VAL A 134 23.34 1.72 -20.92
C VAL A 134 22.38 2.87 -21.22
N SER A 135 21.93 2.98 -22.46
CA SER A 135 20.91 3.96 -22.80
C SER A 135 19.71 3.29 -23.49
N PHE A 136 18.52 3.52 -22.97
CA PHE A 136 17.33 2.85 -23.46
C PHE A 136 16.50 3.71 -24.40
N ARG A 137 16.23 3.20 -25.59
CA ARG A 137 15.40 3.89 -26.57
C ARG A 137 14.12 3.11 -26.86
N ASP A 138 13.04 3.82 -27.14
CA ASP A 138 11.82 3.14 -27.54
C ASP A 138 11.97 2.57 -28.96
N ALA A 139 10.91 1.95 -29.47
CA ALA A 139 10.93 1.40 -30.82
C ALA A 139 10.95 2.49 -31.91
N LYS A 140 10.91 3.76 -31.50
CA LYS A 140 10.97 4.87 -32.46
C LYS A 140 12.17 5.80 -32.27
N GLY A 141 13.17 5.35 -31.52
CA GLY A 141 14.42 6.10 -31.40
C GLY A 141 14.47 7.29 -30.46
N ASN A 142 13.80 7.21 -29.31
CA ASN A 142 13.84 8.30 -28.33
C ASN A 142 14.46 7.88 -27.00
N VAL A 143 15.32 8.74 -26.42
CA VAL A 143 15.98 8.43 -25.16
C VAL A 143 15.06 8.41 -23.92
N LEU A 144 14.65 7.21 -23.55
CA LEU A 144 13.81 7.05 -22.37
C LEU A 144 14.65 7.16 -21.07
N LEU A 145 15.69 6.35 -20.96
CA LEU A 145 16.50 6.31 -19.75
C LEU A 145 17.99 6.20 -20.08
N GLN A 146 18.79 7.08 -19.49
CA GLN A 146 20.25 7.03 -19.65
C GLN A 146 20.96 6.92 -18.29
N GLU A 147 21.85 5.94 -18.16
CA GLU A 147 22.65 5.80 -16.95
C GLU A 147 23.72 6.89 -16.93
N GLU A 148 23.98 7.46 -15.76
CA GLU A 148 25.02 8.48 -15.67
C GLU A 148 26.41 7.86 -15.68
N ASN A 149 26.78 7.22 -14.57
CA ASN A 149 28.03 6.49 -14.47
C ASN A 149 27.74 4.99 -14.45
N ARG A 150 28.71 4.18 -14.06
CA ARG A 150 28.51 2.73 -14.01
C ARG A 150 28.00 2.28 -12.64
N GLY A 151 27.78 3.23 -11.74
CA GLY A 151 27.21 2.91 -10.44
C GLY A 151 28.24 2.94 -9.35
N THR A 152 27.84 3.40 -8.18
CA THR A 152 28.75 3.53 -7.05
C THR A 152 28.63 2.38 -6.06
N PHE A 153 29.70 1.61 -5.92
CA PHE A 153 29.77 0.57 -4.90
C PHE A 153 30.55 1.10 -3.68
N SER A 154 30.00 0.88 -2.50
CA SER A 154 30.58 1.38 -1.25
C SER A 154 30.57 0.27 -0.23
N PRO A 155 31.26 0.47 0.89
CA PRO A 155 31.19 -0.52 1.96
C PRO A 155 29.83 -0.46 2.65
N VAL A 156 29.34 -1.61 3.12
CA VAL A 156 28.07 -1.68 3.83
C VAL A 156 28.20 -1.06 5.22
N ILE A 157 27.31 -0.13 5.53
CA ILE A 157 27.42 0.60 6.78
C ILE A 157 26.27 0.32 7.72
N HIS A 158 25.16 -0.22 7.20
CA HIS A 158 23.96 -0.38 8.01
C HIS A 158 23.61 -1.81 8.37
N ASP A 159 24.57 -2.73 8.24
CA ASP A 159 24.32 -4.10 8.70
C ASP A 159 24.98 -4.33 10.07
N PRO A 160 24.14 -4.47 11.10
CA PRO A 160 24.59 -4.65 12.49
C PRO A 160 25.36 -5.96 12.66
N ASP A 161 25.26 -6.83 11.66
CA ASP A 161 25.86 -8.17 11.74
C ASP A 161 27.12 -8.25 10.87
N PRO A 162 27.84 -9.38 10.96
CA PRO A 162 29.04 -9.59 10.14
C PRO A 162 28.70 -9.67 8.65
N VAL A 163 29.49 -8.99 7.83
CA VAL A 163 29.16 -8.78 6.42
C VAL A 163 29.94 -9.66 5.42
N ASP A 164 29.23 -10.34 4.53
CA ASP A 164 29.86 -11.03 3.41
C ASP A 164 30.90 -10.12 2.76
N ALA A 165 32.13 -10.62 2.59
CA ALA A 165 33.20 -9.85 1.95
C ALA A 165 32.86 -9.35 0.53
N ASP A 166 31.93 -10.02 -0.15
CA ASP A 166 31.55 -9.60 -1.50
C ASP A 166 30.18 -8.89 -1.55
N SER A 167 29.79 -8.29 -0.42
CA SER A 167 28.59 -7.47 -0.34
C SER A 167 28.97 -5.99 -0.26
N TYR A 168 28.16 -5.13 -0.84
CA TYR A 168 28.43 -3.70 -0.85
C TYR A 168 27.16 -2.85 -0.72
N ALA A 169 27.33 -1.58 -0.36
CA ALA A 169 26.27 -0.60 -0.52
C ALA A 169 26.23 -0.25 -2.00
N LEU A 170 25.03 -0.33 -2.59
CA LEU A 170 24.84 -0.11 -4.03
C LEU A 170 24.21 1.24 -4.30
N ARG A 171 24.64 1.90 -5.38
CA ARG A 171 23.90 3.05 -5.88
C ARG A 171 23.97 3.17 -7.41
N GLN A 172 22.85 3.53 -8.03
CA GLN A 172 22.83 3.79 -9.46
C GLN A 172 22.07 5.07 -9.76
N GLU A 173 22.62 5.88 -10.65
CA GLU A 173 22.04 7.16 -10.99
C GLU A 173 21.69 7.20 -12.46
N PHE A 174 20.57 7.85 -12.77
CA PHE A 174 20.09 7.99 -14.14
C PHE A 174 19.58 9.40 -14.37
N ASN A 175 19.48 9.77 -15.66
CA ASN A 175 18.76 10.96 -16.09
C ASN A 175 18.92 12.19 -15.21
N ARG A 176 20.15 12.72 -15.15
CA ARG A 176 20.37 14.01 -14.49
C ARG A 176 19.65 15.13 -15.24
N GLY A 177 19.05 16.05 -14.50
CA GLY A 177 18.37 17.19 -15.10
C GLY A 177 17.12 16.86 -15.88
N SER A 178 16.52 15.70 -15.63
CA SER A 178 15.24 15.42 -16.29
C SER A 178 14.12 16.24 -15.67
N ASP A 179 12.96 16.20 -16.33
CA ASP A 179 11.81 16.96 -15.89
C ASP A 179 10.67 15.98 -15.72
N GLU A 180 11.01 14.69 -15.73
CA GLU A 180 10.01 13.64 -15.73
C GLU A 180 9.36 13.46 -14.37
N GLY A 181 8.21 12.78 -14.37
CA GLY A 181 7.54 12.46 -13.13
C GLY A 181 7.97 11.07 -12.71
N PHE A 182 7.83 10.78 -11.42
CA PHE A 182 8.13 9.44 -10.92
C PHE A 182 7.04 8.99 -9.96
N PHE A 183 6.61 7.75 -10.12
CA PHE A 183 5.48 7.25 -9.35
C PHE A 183 5.70 5.80 -8.94
N GLY A 184 4.86 5.31 -8.03
CA GLY A 184 4.91 3.92 -7.59
C GLY A 184 5.64 3.76 -6.27
N LEU A 185 6.65 2.87 -6.26
CA LEU A 185 7.54 2.73 -5.12
C LEU A 185 6.90 2.09 -3.88
N GLY A 186 5.58 1.93 -3.88
CA GLY A 186 4.91 1.31 -2.77
C GLY A 186 3.98 2.21 -1.97
N GLN A 187 3.68 1.77 -0.75
CA GLN A 187 2.74 2.46 0.14
C GLN A 187 3.49 3.31 1.13
N HIS A 188 3.49 4.62 0.91
CA HIS A 188 4.21 5.51 1.81
C HIS A 188 3.28 6.55 2.42
N GLN A 189 3.73 7.18 3.50
CA GLN A 189 2.82 7.93 4.35
C GLN A 189 3.16 9.41 4.45
N ASN A 190 3.69 9.97 3.36
CA ASN A 190 4.04 11.39 3.36
C ASN A 190 3.41 12.19 2.23
N GLY A 191 2.35 11.63 1.64
CA GLY A 191 1.52 12.38 0.71
C GLY A 191 2.05 12.48 -0.69
N GLN A 192 3.18 11.83 -0.95
CA GLN A 192 3.80 11.91 -2.26
C GLN A 192 3.10 11.04 -3.30
N VAL A 193 2.84 11.63 -4.47
CA VAL A 193 2.39 10.87 -5.63
C VAL A 193 3.45 10.92 -6.71
N ASN A 194 3.84 12.14 -7.07
CA ASN A 194 5.00 12.37 -7.93
C ASN A 194 6.24 12.59 -7.06
N TYR A 195 7.10 11.58 -7.02
CA TYR A 195 8.27 11.59 -6.12
C TYR A 195 9.42 12.42 -6.66
N ALA A 196 9.34 12.84 -7.92
CA ALA A 196 10.46 13.51 -8.56
C ALA A 196 10.94 14.71 -7.74
N GLY A 197 12.26 14.75 -7.50
CA GLY A 197 12.88 15.85 -6.77
C GLY A 197 12.87 15.70 -5.25
N GLU A 198 12.28 14.62 -4.75
CA GLU A 198 12.16 14.40 -3.31
C GLU A 198 12.74 13.03 -2.90
N ASN A 199 12.58 12.68 -1.63
CA ASN A 199 13.13 11.42 -1.12
C ASN A 199 12.07 10.43 -0.68
N VAL A 200 12.30 9.16 -0.98
CA VAL A 200 11.53 8.07 -0.37
C VAL A 200 12.48 7.04 0.23
N GLU A 201 12.23 6.63 1.46
CA GLU A 201 12.99 5.52 2.01
C GLU A 201 12.11 4.28 1.93
N LEU A 202 12.61 3.27 1.21
CA LEU A 202 11.86 2.04 1.03
C LEU A 202 12.24 1.03 2.12
N THR A 203 11.82 1.34 3.33
CA THR A 203 12.02 0.44 4.45
C THR A 203 10.71 -0.29 4.66
N THR A 204 10.68 -1.22 5.61
CA THR A 204 9.47 -1.97 5.90
C THR A 204 8.98 -1.65 7.30
N TYR A 205 7.70 -1.27 7.41
CA TYR A 205 7.11 -0.88 8.69
C TYR A 205 5.63 -1.17 8.75
N ASN A 206 5.09 -1.12 9.96
CA ASN A 206 3.66 -1.26 10.16
C ASN A 206 2.93 -0.47 9.07
N LEU A 207 3.31 0.80 8.94
CA LEU A 207 2.60 1.75 8.09
C LEU A 207 3.18 1.88 6.70
N VAL A 208 4.29 1.20 6.46
CA VAL A 208 5.00 1.38 5.20
C VAL A 208 5.32 0.05 4.52
N ILE A 209 5.11 0.04 3.22
CA ILE A 209 5.35 -1.15 2.42
C ILE A 209 6.10 -0.75 1.15
N SER A 210 7.35 -1.11 1.06
CA SER A 210 8.11 -0.79 -0.13
C SER A 210 7.86 -1.84 -1.18
N ILE A 211 7.64 -1.36 -2.40
CA ILE A 211 7.63 -2.19 -3.59
C ILE A 211 8.49 -1.46 -4.64
N PRO A 212 9.76 -1.92 -4.83
CA PRO A 212 10.70 -1.14 -5.63
C PRO A 212 10.38 -1.17 -7.13
N PHE A 213 9.16 -0.81 -7.52
CA PHE A 213 8.85 -0.64 -8.92
C PHE A 213 8.58 0.83 -9.16
N LEU A 214 9.44 1.43 -9.99
CA LEU A 214 9.40 2.85 -10.27
C LEU A 214 8.77 3.09 -11.65
N VAL A 215 7.76 3.94 -11.72
CA VAL A 215 7.12 4.26 -12.99
C VAL A 215 7.37 5.73 -13.35
N SER A 216 7.80 5.96 -14.59
CA SER A 216 8.12 7.31 -15.05
C SER A 216 6.95 7.95 -15.79
N SER A 217 7.00 9.27 -15.93
CA SER A 217 6.05 9.96 -16.78
C SER A 217 6.33 9.60 -18.24
N ARG A 218 7.60 9.31 -18.56
CA ARG A 218 7.96 8.80 -19.89
C ARG A 218 7.52 7.34 -20.01
N ASN A 219 7.78 6.71 -21.14
CA ASN A 219 7.24 5.37 -21.37
C ASN A 219 8.05 4.18 -20.81
N TYR A 220 8.42 4.25 -19.55
CA TYR A 220 9.12 3.13 -18.96
C TYR A 220 8.90 3.12 -17.47
N GLY A 221 9.27 2.00 -16.85
CA GLY A 221 9.38 1.89 -15.41
C GLY A 221 10.56 0.96 -15.20
N LEU A 222 11.01 0.78 -13.96
CA LEU A 222 12.02 -0.22 -13.67
C LEU A 222 11.86 -0.96 -12.33
N LEU A 223 12.30 -2.22 -12.30
CA LEU A 223 12.23 -2.99 -11.07
C LEU A 223 13.63 -3.05 -10.49
N TRP A 224 13.78 -2.50 -9.30
CA TRP A 224 15.07 -2.54 -8.59
C TRP A 224 15.06 -3.78 -7.71
N ASP A 225 15.78 -4.82 -8.13
CA ASP A 225 15.63 -6.11 -7.48
C ASP A 225 16.66 -6.25 -6.38
N ASN A 226 16.40 -5.55 -5.28
CA ASN A 226 17.20 -5.65 -4.06
C ASN A 226 16.30 -5.83 -2.83
N ASN A 227 16.64 -6.81 -2.00
CA ASN A 227 15.75 -7.17 -0.89
C ASN A 227 15.99 -6.32 0.35
N SER A 228 17.10 -5.59 0.37
CA SER A 228 17.51 -4.83 1.56
C SER A 228 16.85 -3.46 1.54
N ILE A 229 17.06 -2.66 2.58
CA ILE A 229 16.49 -1.31 2.61
C ILE A 229 17.02 -0.47 1.45
N THR A 230 16.13 0.29 0.82
CA THR A 230 16.46 1.02 -0.41
C THR A 230 15.97 2.47 -0.38
N ARG A 231 16.76 3.38 -0.97
CA ARG A 231 16.44 4.82 -0.94
C ARG A 231 16.35 5.51 -2.30
N PHE A 232 15.23 6.21 -2.53
CA PHE A 232 15.00 6.99 -3.76
C PHE A 232 15.41 8.43 -3.60
N GLY A 233 16.31 8.88 -4.46
CA GLY A 233 16.90 10.18 -4.33
C GLY A 233 18.09 10.09 -3.38
N ASP A 234 18.11 11.01 -2.42
CA ASP A 234 19.19 11.09 -1.44
C ASP A 234 19.55 9.69 -0.96
N PRO A 235 20.80 9.29 -1.18
CA PRO A 235 21.33 8.00 -0.74
C PRO A 235 21.39 7.88 0.78
N ARG A 236 21.65 9.01 1.45
CA ARG A 236 21.90 8.99 2.90
C ARG A 236 20.65 8.84 3.73
N GLU A 237 20.76 8.10 4.82
CA GLU A 237 19.71 8.07 5.83
C GLU A 237 19.59 9.44 6.48
N ALA A 238 18.36 9.86 6.74
CA ALA A 238 18.10 11.13 7.40
C ALA A 238 18.86 11.18 8.70
N GLN A 239 19.66 12.23 8.89
CA GLN A 239 20.56 12.32 10.03
C GLN A 239 19.95 13.09 11.20
N PRO A 240 20.64 13.10 12.35
CA PRO A 240 20.23 13.96 13.47
C PRO A 240 20.18 15.42 13.03
N LEU A 241 19.33 16.21 13.68
CA LEU A 241 19.12 17.58 13.27
C LEU A 241 20.43 18.38 13.27
N ASN A 242 21.36 17.99 14.12
CA ASN A 242 22.60 18.77 14.33
C ASN A 242 23.81 18.28 13.53
N GLN A 243 23.56 17.63 12.39
CA GLN A 243 24.66 17.05 11.62
C GLN A 243 24.96 17.82 10.34
N SER A 244 24.04 18.71 9.97
CA SER A 244 24.18 19.50 8.76
C SER A 244 23.54 20.87 9.01
N LEU A 245 23.37 21.19 10.29
CA LEU A 245 22.78 22.44 10.72
C LEU A 245 23.52 22.97 11.95
N LYS A 246 23.55 24.29 12.10
CA LYS A 246 24.03 24.90 13.35
C LYS A 246 22.83 25.18 14.25
N LEU A 247 23.01 24.94 15.56
CA LEU A 247 21.88 25.03 16.49
C LEU A 247 22.08 26.11 17.57
N TYR A 248 21.04 26.91 17.76
CA TYR A 248 21.05 27.96 18.76
C TYR A 248 19.86 27.76 19.69
N ASP A 249 20.08 27.89 21.00
CA ASP A 249 19.01 27.71 21.97
C ASP A 249 18.15 28.97 22.10
N ALA A 250 17.24 28.96 23.06
CA ALA A 250 16.36 30.11 23.28
C ALA A 250 17.15 31.37 23.62
N GLU A 251 18.19 31.22 24.44
CA GLU A 251 19.04 32.35 24.83
C GLU A 251 19.75 32.99 23.64
N GLY A 252 19.53 32.42 22.45
CA GLY A 252 20.21 32.88 21.25
C GLY A 252 21.63 32.31 21.18
N LYS A 253 22.16 31.94 22.35
CA LYS A 253 23.52 31.42 22.44
C LYS A 253 23.65 30.09 21.71
N GLU A 254 24.67 30.01 20.85
CA GLU A 254 24.98 28.80 20.10
C GLU A 254 25.04 27.59 21.01
N GLY A 255 25.07 26.40 20.42
CA GLY A 255 25.07 25.17 21.19
C GLY A 255 24.05 24.19 20.66
N GLY A 256 23.08 23.82 21.48
CA GLY A 256 22.02 22.92 21.06
C GLY A 256 20.66 23.59 21.07
N LEU A 257 19.60 22.81 21.34
CA LEU A 257 18.27 23.38 21.49
C LEU A 257 17.87 23.49 22.97
N THR A 258 17.04 24.49 23.27
CA THR A 258 16.47 24.65 24.60
C THR A 258 15.38 23.60 24.84
N VAL A 259 15.65 22.68 25.76
CA VAL A 259 14.73 21.57 26.04
C VAL A 259 14.06 21.71 27.40
N ARG A 260 12.87 22.28 27.44
CA ARG A 260 12.15 22.44 28.70
C ARG A 260 11.31 21.23 29.00
N TYR A 261 11.35 20.78 30.25
CA TYR A 261 10.54 19.65 30.69
C TYR A 261 9.41 20.14 31.60
N PHE A 262 8.18 19.77 31.27
CA PHE A 262 7.01 20.19 32.05
C PHE A 262 6.28 18.99 32.64
N VAL A 263 5.86 19.12 33.89
CA VAL A 263 4.84 18.22 34.43
C VAL A 263 3.62 19.10 34.62
N GLY A 264 2.55 18.78 33.91
CA GLY A 264 1.40 19.66 33.86
C GLY A 264 1.80 20.94 33.16
N ASP A 265 1.51 22.09 33.76
CA ASP A 265 1.95 23.37 33.22
C ASP A 265 3.15 23.89 34.02
N GLU A 266 3.58 23.07 34.98
CA GLU A 266 4.68 23.42 35.86
C GLU A 266 6.03 23.06 35.24
N LEU A 267 6.81 24.09 34.93
CA LEU A 267 8.18 23.90 34.45
C LEU A 267 9.00 23.20 35.53
N LYS A 268 9.63 22.08 35.17
CA LYS A 268 10.36 21.22 36.11
C LYS A 268 11.84 21.07 35.77
N LEU A 269 12.27 21.66 34.67
CA LEU A 269 13.67 21.60 34.25
C LEU A 269 13.88 22.27 32.88
N THR A 270 14.93 23.06 32.77
CA THR A 270 15.35 23.59 31.48
C THR A 270 16.80 23.17 31.27
N ARG A 271 17.16 22.89 30.01
CA ARG A 271 18.55 22.60 29.68
C ARG A 271 18.73 22.51 28.17
N VAL A 272 19.95 22.75 27.71
CA VAL A 272 20.22 22.74 26.28
C VAL A 272 20.78 21.39 25.83
N GLU A 273 20.15 20.80 24.82
CA GLU A 273 20.56 19.50 24.27
C GLU A 273 21.00 19.60 22.81
N ALA A 274 21.97 18.78 22.43
CA ALA A 274 22.42 18.75 21.04
C ALA A 274 21.40 18.03 20.17
N ASP A 275 21.33 16.71 20.31
CA ASP A 275 20.37 15.91 19.58
C ASP A 275 19.34 15.35 20.56
N PHE A 276 18.20 16.03 20.68
CA PHE A 276 17.10 15.54 21.48
C PHE A 276 16.59 14.25 20.84
N ASN A 277 16.71 13.14 21.57
CA ASN A 277 16.39 11.85 20.99
C ASN A 277 15.87 10.83 21.98
N HIS A 278 14.57 10.54 21.87
CA HIS A 278 13.95 9.43 22.58
C HIS A 278 13.15 8.63 21.55
N GLN A 279 13.87 8.12 20.56
CA GLN A 279 13.25 7.48 19.41
C GLN A 279 12.91 6.01 19.65
N PHE A 280 13.82 5.28 20.32
CA PHE A 280 13.66 3.84 20.47
C PHE A 280 13.80 3.31 21.91
N TYR A 281 13.25 2.11 22.12
CA TYR A 281 13.59 1.27 23.26
C TYR A 281 14.84 0.47 22.91
N LYS A 282 15.67 0.14 23.90
CA LYS A 282 16.81 -0.75 23.66
C LYS A 282 16.40 -2.21 23.86
N GLN A 283 15.50 -2.41 24.82
CA GLN A 283 15.05 -3.73 25.23
C GLN A 283 13.70 -3.58 25.93
N GLY A 284 12.85 -4.59 25.82
CA GLY A 284 11.60 -4.62 26.55
C GLY A 284 10.72 -3.39 26.37
N ASN A 285 10.78 -2.48 27.34
CA ASN A 285 10.02 -1.25 27.30
C ASN A 285 10.84 -0.09 27.85
N GLU A 286 12.15 -0.32 27.92
CA GLU A 286 13.09 0.65 28.44
C GLU A 286 13.62 1.54 27.32
N LEU A 287 13.45 2.85 27.46
CA LEU A 287 13.95 3.78 26.46
C LEU A 287 15.41 3.52 26.17
N GLU A 288 15.89 4.05 25.05
CA GLU A 288 17.28 3.90 24.68
C GLU A 288 18.05 5.01 25.38
N ASN A 289 17.48 6.21 25.31
CA ASN A 289 17.89 7.30 26.16
C ASN A 289 16.77 7.56 27.14
N PRO A 290 17.03 7.37 28.45
CA PRO A 290 15.98 7.64 29.43
C PRO A 290 15.78 9.14 29.61
N PHE A 291 14.65 9.50 30.20
CA PHE A 291 14.30 10.88 30.47
C PHE A 291 14.99 11.36 31.73
N PRO A 292 15.24 12.68 31.83
CA PRO A 292 15.77 13.24 33.08
C PRO A 292 15.08 12.63 34.29
N GLU A 293 15.87 12.36 35.32
CA GLU A 293 15.39 11.72 36.54
C GLU A 293 14.16 12.42 37.15
N GLU A 294 14.13 13.75 37.04
CA GLU A 294 13.14 14.58 37.74
C GLU A 294 11.76 14.68 37.07
N VAL A 295 11.59 14.10 35.90
CA VAL A 295 10.29 14.06 35.24
C VAL A 295 9.98 12.67 34.76
N ALA A 296 10.91 11.75 34.99
CA ALA A 296 10.77 10.37 34.53
C ALA A 296 9.41 9.78 34.90
N GLY A 297 8.87 10.24 36.03
CA GLY A 297 7.57 9.79 36.49
C GLY A 297 6.43 10.29 35.63
N ALA A 298 6.56 11.54 35.17
CA ALA A 298 5.54 12.18 34.34
C ALA A 298 5.36 11.46 32.99
N TYR A 299 6.47 11.03 32.42
CA TYR A 299 6.44 10.28 31.16
C TYR A 299 5.50 9.09 31.29
N LYS A 300 5.72 8.32 32.35
CA LYS A 300 4.97 7.09 32.57
C LYS A 300 3.50 7.31 32.93
N ASN A 301 3.12 8.51 33.33
CA ASN A 301 1.72 8.76 33.68
C ASN A 301 1.00 9.78 32.79
N ASN A 302 1.65 10.18 31.70
CA ASN A 302 1.05 11.04 30.65
C ASN A 302 0.81 12.49 31.08
N THR A 303 1.55 12.93 32.09
CA THR A 303 1.45 14.31 32.58
C THR A 303 2.66 15.08 32.08
N LEU A 304 3.64 14.33 31.60
CA LEU A 304 4.82 14.91 31.00
C LEU A 304 4.46 15.68 29.74
N ARG A 305 5.07 16.85 29.62
CA ARG A 305 4.96 17.67 28.42
C ARG A 305 6.35 18.23 28.15
N ILE A 306 6.60 18.67 26.93
CA ILE A 306 7.93 19.17 26.58
C ILE A 306 7.82 20.26 25.52
N GLU A 307 8.82 21.13 25.51
CA GLU A 307 8.98 22.12 24.46
C GLU A 307 10.43 22.14 24.01
N LEU A 308 10.64 22.40 22.73
CA LEU A 308 11.96 22.63 22.19
C LEU A 308 11.95 24.02 21.57
N GLU A 309 13.04 24.77 21.73
CA GLU A 309 13.13 26.11 21.17
C GLU A 309 14.57 26.54 20.83
N GLY A 310 14.70 27.21 19.69
CA GLY A 310 16.00 27.68 19.23
C GLY A 310 15.96 28.16 17.79
N SER A 311 17.13 28.13 17.15
CA SER A 311 17.26 28.55 15.76
C SER A 311 18.17 27.62 14.99
N ILE A 312 17.80 27.33 13.74
CA ILE A 312 18.61 26.48 12.88
C ILE A 312 19.25 27.27 11.74
N GLU A 313 20.50 26.96 11.47
CA GLU A 313 21.25 27.60 10.40
C GLU A 313 21.88 26.51 9.55
N ALA A 314 21.42 26.36 8.31
CA ALA A 314 22.05 25.45 7.37
C ALA A 314 23.32 26.10 6.82
N GLN A 315 24.35 25.31 6.58
CA GLN A 315 25.57 25.84 5.99
C GLN A 315 25.52 25.78 4.46
N ALA A 316 24.50 25.10 3.92
CA ALA A 316 24.35 24.98 2.47
C ALA A 316 22.98 25.46 1.97
N THR A 317 22.92 25.83 0.69
CA THR A 317 21.70 26.38 0.09
C THR A 317 20.96 25.35 -0.78
N GLY A 318 19.64 25.47 -0.84
CA GLY A 318 18.84 24.57 -1.66
C GLY A 318 17.69 23.98 -0.87
N LYS A 319 17.12 22.90 -1.38
CA LYS A 319 15.97 22.26 -0.73
C LYS A 319 16.41 21.26 0.35
N HIS A 320 15.95 21.49 1.58
CA HIS A 320 16.26 20.61 2.69
C HIS A 320 15.03 19.78 3.03
N GLN A 321 15.23 18.52 3.43
CA GLN A 321 14.13 17.69 3.95
C GLN A 321 14.14 17.66 5.48
N PHE A 322 12.96 17.50 6.08
CA PHE A 322 12.83 17.39 7.52
C PHE A 322 11.86 16.27 7.95
N LYS A 323 12.23 15.56 9.01
CA LYS A 323 11.41 14.45 9.48
C LYS A 323 11.14 14.55 11.00
N MET A 324 9.89 14.71 11.37
CA MET A 324 9.55 14.68 12.79
C MET A 324 8.96 13.33 13.15
N TYR A 325 9.80 12.44 13.69
CA TYR A 325 9.37 11.11 14.06
C TYR A 325 8.70 11.20 15.43
N ASN A 326 7.45 10.76 15.56
CA ASN A 326 6.79 10.87 16.87
C ASN A 326 5.53 10.04 17.15
N SER A 327 5.23 9.92 18.45
CA SER A 327 3.93 9.51 18.96
C SER A 327 3.39 10.70 19.75
N GLY A 328 2.23 10.53 20.37
CA GLY A 328 1.64 11.60 21.15
C GLY A 328 1.45 12.86 20.33
N TYR A 329 0.95 13.92 20.97
CA TYR A 329 0.71 15.17 20.28
C TYR A 329 2.01 15.92 20.07
N ALA A 330 2.35 16.14 18.82
CA ALA A 330 3.54 16.89 18.48
C ALA A 330 3.17 17.97 17.50
N GLN A 331 3.78 19.13 17.65
CA GLN A 331 3.49 20.24 16.78
C GLN A 331 4.77 21.04 16.54
N LEU A 332 5.14 21.18 15.27
CA LEU A 332 6.35 21.91 14.92
C LEU A 332 6.00 23.23 14.25
N SER A 333 6.59 24.32 14.75
CA SER A 333 6.41 25.63 14.19
C SER A 333 7.76 26.11 13.65
N LEU A 334 7.73 26.82 12.53
CA LEU A 334 8.94 27.34 11.91
C LEU A 334 8.74 28.71 11.29
N ASP A 335 9.56 29.68 11.71
CA ASP A 335 9.42 31.06 11.27
C ASP A 335 8.12 31.66 11.81
N GLY A 336 7.69 31.16 12.96
CA GLY A 336 6.46 31.61 13.59
C GLY A 336 5.20 30.92 13.05
N GLU A 337 5.38 30.12 12.00
CA GLU A 337 4.24 29.44 11.38
C GLU A 337 4.26 27.94 11.68
N VAL A 338 3.08 27.35 11.82
CA VAL A 338 3.00 25.92 12.04
C VAL A 338 3.17 25.15 10.73
N VAL A 339 4.05 24.16 10.77
CA VAL A 339 4.41 23.35 9.62
C VAL A 339 3.87 21.93 9.78
N LEU A 340 3.81 21.46 11.01
CA LEU A 340 3.38 20.10 11.27
C LEU A 340 2.57 20.00 12.56
N ASP A 341 1.36 19.47 12.45
CA ASP A 341 0.57 19.18 13.62
C ASP A 341 0.14 17.72 13.50
N ARG A 342 0.67 16.87 14.38
CA ARG A 342 0.46 15.44 14.26
C ARG A 342 0.20 14.74 15.60
N TRP A 343 -0.70 13.76 15.59
CA TRP A 343 -0.81 12.83 16.69
C TRP A 343 -0.78 11.40 16.21
N ARG A 344 0.03 10.59 16.86
CA ARG A 344 0.06 9.17 16.61
C ARG A 344 0.03 8.38 17.92
N MET A 345 -0.64 7.22 17.91
CA MET A 345 -0.69 6.36 19.10
C MET A 345 0.73 6.13 19.63
N ASN A 346 0.87 6.00 20.95
CA ASN A 346 2.23 5.92 21.51
C ASN A 346 3.09 4.78 20.95
N TRP A 347 2.48 3.60 20.76
CA TRP A 347 3.26 2.42 20.41
C TRP A 347 3.56 2.32 18.91
N ASN A 348 3.00 3.22 18.12
CA ASN A 348 3.19 3.16 16.67
C ASN A 348 3.55 4.48 16.04
N PRO A 349 4.68 5.06 16.43
CA PRO A 349 5.11 6.36 15.92
C PRO A 349 5.51 6.27 14.46
N TRP A 350 5.75 7.42 13.83
CA TRP A 350 6.35 7.42 12.49
C TRP A 350 6.80 8.83 12.11
N TYR A 351 7.52 8.94 10.99
CA TYR A 351 8.07 10.23 10.51
C TYR A 351 7.01 11.10 9.85
N HIS A 352 7.14 12.41 10.02
CA HIS A 352 6.28 13.37 9.33
C HIS A 352 7.15 14.40 8.65
N ASN A 353 7.14 14.39 7.31
CA ASN A 353 8.14 15.09 6.51
C ASN A 353 7.63 16.36 5.83
N PHE A 354 8.56 17.24 5.50
CA PHE A 354 8.29 18.44 4.70
C PHE A 354 9.60 18.97 4.16
N TYR A 355 9.57 19.53 2.96
CA TYR A 355 10.77 20.13 2.41
C TYR A 355 10.63 21.63 2.50
N ARG A 356 11.75 22.33 2.35
CA ARG A 356 11.73 23.78 2.46
C ARG A 356 13.02 24.37 1.89
N GLU A 357 12.92 25.56 1.30
CA GLU A 357 14.09 26.22 0.76
C GLU A 357 14.88 26.94 1.83
N LEU A 358 16.19 26.74 1.84
CA LEU A 358 17.06 27.40 2.81
C LEU A 358 18.25 28.09 2.14
N ASN A 359 18.61 29.24 2.69
CA ASN A 359 19.84 29.95 2.31
C ASN A 359 20.86 29.82 3.42
N ALA A 360 22.08 29.43 3.06
CA ALA A 360 23.14 29.26 4.04
C ALA A 360 23.38 30.54 4.85
N GLY A 361 23.66 30.38 6.14
CA GLY A 361 23.90 31.51 7.02
C GLY A 361 22.62 31.97 7.69
N ASP A 362 21.51 31.87 6.96
CA ASP A 362 20.20 32.27 7.49
C ASP A 362 19.83 31.45 8.72
N LYS A 363 19.54 32.15 9.79
CA LYS A 363 18.98 31.53 10.99
C LYS A 363 17.45 31.60 10.90
N HIS A 364 16.76 30.57 11.38
CA HIS A 364 15.30 30.56 11.40
C HIS A 364 14.75 30.05 12.74
N LYS A 365 13.67 30.67 13.22
CA LYS A 365 13.06 30.30 14.50
C LYS A 365 12.33 28.96 14.48
N LEU A 366 12.74 28.07 15.37
CA LEU A 366 12.14 26.75 15.49
C LEU A 366 11.43 26.56 16.83
N LYS A 367 10.19 26.10 16.78
CA LYS A 367 9.42 25.79 17.99
C LYS A 367 8.75 24.42 17.86
N VAL A 368 8.90 23.58 18.88
CA VAL A 368 8.27 22.26 18.90
C VAL A 368 7.54 22.02 20.23
N SER A 369 6.43 21.30 20.18
CA SER A 369 5.67 20.98 21.39
C SER A 369 5.31 19.51 21.40
N TRP A 370 5.74 18.78 22.43
CA TRP A 370 5.54 17.34 22.44
C TRP A 370 4.93 16.79 23.73
N LYS A 371 3.65 16.42 23.67
CA LYS A 371 2.99 15.72 24.78
C LYS A 371 3.06 14.20 24.56
N PRO A 372 4.15 13.59 25.02
CA PRO A 372 4.56 12.22 24.67
C PRO A 372 3.49 11.19 24.95
N ASP A 373 2.74 11.38 26.03
CA ASP A 373 1.78 10.37 26.46
C ASP A 373 2.38 8.97 26.27
N GLY A 374 3.65 8.82 26.67
CA GLY A 374 4.34 7.54 26.61
C GLY A 374 4.88 7.12 25.26
N GLY A 375 5.02 8.06 24.33
CA GLY A 375 5.40 7.75 22.96
C GLY A 375 6.89 7.93 22.69
N PHE A 376 7.25 8.18 21.45
CA PHE A 376 8.65 8.38 21.10
C PHE A 376 8.84 9.65 20.31
N PHE A 377 10.10 10.03 20.08
CA PHE A 377 10.42 11.26 19.35
C PHE A 377 11.89 11.31 18.99
N HIS A 378 12.14 11.70 17.74
CA HIS A 378 13.45 12.16 17.32
C HIS A 378 13.20 13.19 16.24
N LEU A 379 14.19 14.01 15.94
CA LEU A 379 14.04 14.98 14.86
C LEU A 379 15.18 14.79 13.87
N ARG A 380 14.84 14.56 12.61
CA ARG A 380 15.85 14.31 11.59
C ARG A 380 15.79 15.29 10.43
N HIS A 381 16.75 15.19 9.52
CA HIS A 381 16.93 16.21 8.51
C HIS A 381 18.00 15.79 7.53
N LEU A 382 17.92 16.32 6.33
CA LEU A 382 18.99 16.15 5.33
C LEU A 382 19.20 17.45 4.58
N ASP A 383 20.46 17.80 4.35
CA ASP A 383 20.81 18.96 3.53
C ASP A 383 20.79 18.60 2.05
N PRO A 384 20.74 19.61 1.16
CA PRO A 384 20.65 19.34 -0.28
C PRO A 384 21.86 18.59 -0.84
N LEU A 385 21.60 17.74 -1.82
CA LEU A 385 22.67 17.02 -2.51
C LEU A 385 23.43 18.00 -3.41
N PRO A 386 24.56 17.54 -3.97
CA PRO A 386 25.25 18.27 -5.04
C PRO A 386 24.23 18.75 -6.06
N ALA A 387 24.38 19.97 -6.56
CA ALA A 387 23.36 20.59 -7.39
C ALA A 387 23.06 19.80 -8.67
N ASN A 388 24.07 19.11 -9.19
CA ASN A 388 23.90 18.33 -10.42
C ASN A 388 23.11 17.04 -10.19
N GLU A 389 22.87 16.73 -8.92
CA GLU A 389 22.06 15.58 -8.54
C GLU A 389 20.70 16.04 -8.04
N GLN A 390 20.51 17.35 -7.95
CA GLN A 390 19.25 17.93 -7.48
C GLN A 390 18.03 17.35 -8.21
N HIS A 391 18.17 17.08 -9.51
CA HIS A 391 17.04 16.56 -10.27
C HIS A 391 17.38 15.31 -11.07
N GLU A 392 17.94 14.30 -10.41
CA GLU A 392 18.29 13.05 -11.09
C GLU A 392 17.50 11.86 -10.54
N LEU A 393 17.65 10.71 -11.18
CA LEU A 393 17.09 9.47 -10.67
C LEU A 393 18.16 8.71 -9.92
N SER A 394 17.90 8.40 -8.65
CA SER A 394 18.89 7.72 -7.82
C SER A 394 18.27 6.66 -6.94
N LEU A 395 18.79 5.44 -7.04
CA LEU A 395 18.38 4.35 -6.18
C LEU A 395 19.60 3.72 -5.51
N ALA A 396 19.54 3.56 -4.18
CA ALA A 396 20.62 2.92 -3.44
C ALA A 396 20.07 1.85 -2.48
N SER A 397 20.88 0.82 -2.25
CA SER A 397 20.52 -0.23 -1.29
C SER A 397 21.63 -0.40 -0.26
N GLU A 398 21.27 -0.95 0.88
CA GLU A 398 22.20 -1.03 2.00
C GLU A 398 23.20 -2.18 1.82
N THR A 399 22.71 -3.30 1.29
CA THR A 399 23.56 -4.46 1.00
C THR A 399 23.09 -5.24 -0.25
N GLY A 400 24.04 -5.61 -1.09
CA GLY A 400 23.78 -6.41 -2.27
C GLY A 400 25.11 -6.86 -2.85
N LYS A 401 25.07 -7.83 -3.76
CA LYS A 401 26.31 -8.30 -4.38
C LYS A 401 26.49 -7.72 -5.79
N ALA A 402 25.52 -6.92 -6.24
CA ALA A 402 25.50 -6.44 -7.62
C ALA A 402 24.35 -5.45 -7.88
N ILE A 403 24.55 -4.50 -8.79
CA ILE A 403 23.45 -3.64 -9.21
C ILE A 403 22.56 -4.42 -10.17
N ASP A 404 21.31 -4.65 -9.75
CA ASP A 404 20.42 -5.51 -10.53
C ASP A 404 19.05 -4.87 -10.69
N TYR A 405 18.71 -4.52 -11.92
CA TYR A 405 17.38 -3.96 -12.21
C TYR A 405 16.85 -4.41 -13.57
N TYR A 406 15.55 -4.21 -13.77
CA TYR A 406 14.86 -4.59 -15.00
C TYR A 406 14.21 -3.36 -15.65
N PHE A 407 14.67 -3.02 -16.85
CA PHE A 407 14.03 -1.96 -17.64
C PHE A 407 12.71 -2.44 -18.27
N VAL A 408 11.62 -1.72 -18.00
CA VAL A 408 10.30 -2.09 -18.50
C VAL A 408 9.70 -0.98 -19.39
N ALA A 409 9.66 -1.22 -20.70
CA ALA A 409 9.03 -0.28 -21.65
C ALA A 409 7.53 -0.50 -21.75
N GLY A 410 6.79 0.58 -21.96
CA GLY A 410 5.34 0.48 -22.08
C GLY A 410 4.70 1.77 -22.56
N ASP A 411 3.83 1.68 -23.56
CA ASP A 411 3.24 2.89 -24.15
C ASP A 411 2.24 3.55 -23.20
N THR A 412 1.71 2.75 -22.28
CA THR A 412 0.85 3.29 -21.25
C THR A 412 1.32 2.80 -19.90
N LYS A 413 0.81 3.43 -18.84
CA LYS A 413 1.17 3.03 -17.52
C LYS A 413 0.66 1.60 -17.25
N ASP A 414 -0.50 1.24 -17.82
CA ASP A 414 -1.01 -0.12 -17.69
C ASP A 414 -0.08 -1.12 -18.36
N ASP A 415 0.56 -0.69 -19.44
CA ASP A 415 1.51 -1.55 -20.12
C ASP A 415 2.72 -1.75 -19.24
N ILE A 416 3.05 -0.73 -18.47
CA ILE A 416 4.23 -0.78 -17.65
C ILE A 416 3.99 -1.70 -16.45
N ILE A 417 2.89 -1.50 -15.74
CA ILE A 417 2.49 -2.43 -14.67
C ILE A 417 2.51 -3.86 -15.23
N SER A 418 2.02 -4.03 -16.45
CA SER A 418 1.96 -5.37 -17.01
C SER A 418 3.34 -6.06 -17.05
N GLY A 419 4.40 -5.30 -17.35
CA GLY A 419 5.75 -5.82 -17.31
C GLY A 419 6.11 -6.28 -15.90
N TYR A 420 5.70 -5.49 -14.91
CA TYR A 420 5.94 -5.82 -13.52
C TYR A 420 5.27 -7.14 -13.15
N ARG A 421 4.05 -7.34 -13.66
CA ARG A 421 3.29 -8.53 -13.37
C ARG A 421 4.00 -9.74 -13.97
N GLN A 422 4.58 -9.56 -15.14
CA GLN A 422 5.20 -10.67 -15.83
C GLN A 422 6.50 -11.12 -15.18
N LEU A 423 7.21 -10.16 -14.59
CA LEU A 423 8.44 -10.42 -13.87
C LEU A 423 8.18 -11.10 -12.50
N THR A 424 7.23 -10.54 -11.77
CA THR A 424 7.03 -10.90 -10.37
C THR A 424 5.76 -11.71 -10.15
N GLY A 425 5.05 -11.99 -11.24
CA GLY A 425 3.91 -12.90 -11.19
C GLY A 425 2.56 -12.23 -11.34
N LYS A 426 1.64 -12.93 -12.00
CA LYS A 426 0.31 -12.40 -12.18
C LYS A 426 -0.44 -12.17 -10.87
N SER A 427 -1.24 -11.10 -10.82
CA SER A 427 -2.08 -10.86 -9.67
C SER A 427 -3.24 -11.85 -9.75
N VAL A 428 -3.10 -12.99 -9.05
CA VAL A 428 -4.12 -14.05 -9.12
C VAL A 428 -5.46 -13.55 -8.59
N MET A 429 -6.55 -13.99 -9.23
CA MET A 429 -7.91 -13.62 -8.83
C MET A 429 -8.16 -13.85 -7.33
N LEU A 430 -8.72 -12.83 -6.70
CA LEU A 430 -9.34 -12.93 -5.39
C LEU A 430 -10.73 -13.52 -5.54
N PRO A 431 -11.28 -14.05 -4.45
CA PRO A 431 -12.68 -14.46 -4.52
C PRO A 431 -13.52 -13.22 -4.71
N LYS A 432 -14.65 -13.35 -5.38
CA LYS A 432 -15.50 -12.21 -5.65
C LYS A 432 -15.98 -11.58 -4.34
N TRP A 433 -16.23 -12.39 -3.31
CA TRP A 433 -16.65 -11.81 -2.03
C TRP A 433 -15.60 -10.87 -1.42
N ALA A 434 -14.36 -10.92 -1.90
CA ALA A 434 -13.35 -10.07 -1.29
C ALA A 434 -13.55 -8.59 -1.67
N TYR A 435 -14.31 -8.34 -2.74
CA TYR A 435 -14.58 -6.97 -3.19
C TYR A 435 -15.87 -6.44 -2.60
N GLY A 436 -16.54 -7.30 -1.82
CA GLY A 436 -17.71 -6.87 -1.06
C GLY A 436 -17.25 -6.20 0.22
N PHE A 437 -18.20 -5.74 1.02
CA PHE A 437 -17.89 -5.07 2.27
C PHE A 437 -17.40 -6.07 3.35
N TRP A 438 -16.34 -5.66 4.06
CA TRP A 438 -15.71 -6.40 5.15
C TRP A 438 -15.93 -5.65 6.46
N GLN A 439 -16.41 -6.36 7.49
CA GLN A 439 -16.54 -5.79 8.83
C GLN A 439 -15.63 -6.51 9.81
N SER A 440 -14.74 -5.74 10.42
CA SER A 440 -13.75 -6.29 11.32
C SER A 440 -13.82 -5.52 12.65
N ARG A 441 -13.11 -5.99 13.66
CA ARG A 441 -12.96 -5.23 14.90
C ARG A 441 -11.74 -5.72 15.64
N GLU A 442 -11.06 -4.80 16.31
CA GLU A 442 -10.06 -5.17 17.32
C GLU A 442 -10.68 -4.97 18.71
N ARG A 443 -11.29 -6.01 19.27
CA ARG A 443 -11.51 -7.30 18.63
C ARG A 443 -12.87 -7.83 19.09
N TYR A 444 -13.44 -8.76 18.32
CA TYR A 444 -14.58 -9.53 18.81
C TYR A 444 -14.06 -10.57 19.80
N LYS A 445 -14.86 -10.86 20.82
CA LYS A 445 -14.39 -11.64 21.97
C LYS A 445 -15.03 -13.02 22.11
N SER A 446 -16.02 -13.32 21.28
CA SER A 446 -16.63 -14.65 21.31
C SER A 446 -17.31 -15.03 20.00
N SER A 447 -17.61 -16.30 19.85
CA SER A 447 -18.36 -16.78 18.71
C SER A 447 -19.67 -15.99 18.66
N ASP A 448 -20.31 -15.88 19.82
CA ASP A 448 -21.57 -15.13 19.96
C ASP A 448 -21.50 -13.69 19.48
N GLU A 449 -20.40 -13.00 19.80
CA GLU A 449 -20.26 -11.60 19.46
C GLU A 449 -20.19 -11.44 17.93
N ILE A 450 -19.44 -12.33 17.29
CA ILE A 450 -19.34 -12.33 15.84
C ILE A 450 -20.71 -12.59 15.20
N ILE A 451 -21.34 -13.69 15.54
CA ILE A 451 -22.65 -13.98 14.97
C ILE A 451 -23.65 -12.84 15.23
N GLN A 452 -23.65 -12.26 16.42
CA GLN A 452 -24.54 -11.12 16.72
C GLN A 452 -24.33 -9.93 15.78
N ASN A 453 -23.10 -9.48 15.59
CA ASN A 453 -22.90 -8.33 14.75
C ASN A 453 -23.18 -8.62 13.28
N LEU A 454 -22.88 -9.81 12.82
CA LEU A 454 -23.20 -10.16 11.44
C LEU A 454 -24.72 -10.17 11.27
N LYS A 455 -25.42 -10.74 12.25
CA LYS A 455 -26.87 -10.86 12.16
C LYS A 455 -27.52 -9.47 12.17
N GLU A 456 -26.93 -8.55 12.92
CA GLU A 456 -27.43 -7.18 12.95
C GLU A 456 -27.36 -6.46 11.56
N TYR A 457 -26.28 -6.67 10.82
CA TYR A 457 -26.23 -6.16 9.44
C TYR A 457 -27.37 -6.73 8.61
N ARG A 458 -27.52 -8.05 8.64
CA ARG A 458 -28.60 -8.71 7.90
C ARG A 458 -29.95 -8.20 8.35
N ASP A 459 -30.17 -8.00 9.64
CA ASP A 459 -31.48 -7.59 10.12
C ASP A 459 -31.78 -6.19 9.58
N ARG A 460 -30.74 -5.40 9.40
CA ARG A 460 -30.93 -4.02 9.00
C ARG A 460 -30.87 -3.91 7.49
N LYS A 461 -30.92 -5.05 6.81
CA LYS A 461 -30.75 -5.11 5.37
C LYS A 461 -29.60 -4.23 4.81
N ILE A 462 -28.51 -4.08 5.59
CA ILE A 462 -27.27 -3.47 5.10
C ILE A 462 -26.32 -4.54 4.54
N PRO A 463 -25.89 -4.39 3.29
CA PRO A 463 -25.05 -5.41 2.63
C PRO A 463 -23.71 -5.64 3.34
N ILE A 464 -23.26 -6.88 3.35
CA ILE A 464 -21.97 -7.28 3.90
C ILE A 464 -21.62 -8.69 3.43
N ASP A 465 -20.35 -8.93 3.10
CA ASP A 465 -19.94 -10.27 2.70
C ASP A 465 -19.12 -11.02 3.76
N ASN A 466 -18.26 -10.27 4.44
CA ASN A 466 -17.19 -10.83 5.23
C ASN A 466 -17.10 -10.23 6.64
N ILE A 467 -16.90 -11.10 7.62
CA ILE A 467 -16.61 -10.64 8.98
C ILE A 467 -15.27 -11.21 9.41
N VAL A 468 -14.63 -10.55 10.36
CA VAL A 468 -13.28 -10.94 10.72
C VAL A 468 -13.05 -11.28 12.19
N LEU A 469 -12.36 -12.38 12.42
CA LEU A 469 -11.89 -12.74 13.76
C LEU A 469 -10.43 -12.35 13.91
N ASP A 470 -10.19 -11.42 14.80
CA ASP A 470 -8.88 -10.89 15.05
C ASP A 470 -8.22 -11.71 16.17
N TRP A 471 -7.06 -11.25 16.61
CA TRP A 471 -6.23 -11.95 17.60
C TRP A 471 -6.91 -12.34 18.93
N SER A 472 -6.20 -13.21 19.66
CA SER A 472 -6.50 -13.50 21.06
C SER A 472 -7.72 -14.39 21.27
N TYR A 473 -7.95 -15.30 20.32
CA TYR A 473 -8.98 -16.33 20.46
C TYR A 473 -8.41 -17.63 21.04
N TRP A 474 -7.10 -17.67 21.23
CA TRP A 474 -6.44 -18.85 21.74
C TRP A 474 -6.33 -18.74 23.27
N PRO A 475 -6.03 -19.88 23.94
CA PRO A 475 -5.69 -19.74 25.37
C PRO A 475 -4.54 -18.75 25.49
N GLU A 476 -4.63 -17.85 26.45
CA GLU A 476 -3.71 -16.73 26.54
C GLU A 476 -2.23 -17.15 26.60
N ASP A 477 -1.92 -18.30 27.22
CA ASP A 477 -0.52 -18.72 27.35
C ASP A 477 -0.03 -19.66 26.23
N ALA A 478 -0.75 -19.62 25.11
CA ALA A 478 -0.46 -20.48 23.98
C ALA A 478 -0.62 -19.77 22.62
N TRP A 479 -0.13 -18.54 22.53
CA TRP A 479 -0.02 -17.87 21.25
C TRP A 479 0.83 -18.75 20.35
N GLY A 480 0.29 -19.10 19.16
CA GLY A 480 1.01 -19.99 18.27
C GLY A 480 0.58 -21.45 18.29
N SER A 481 -0.15 -21.87 19.33
CA SER A 481 -0.75 -23.21 19.33
C SER A 481 -1.90 -23.28 18.32
N HIS A 482 -2.58 -22.15 18.10
CA HIS A 482 -3.68 -22.08 17.17
C HIS A 482 -4.94 -22.79 17.71
N ASP A 483 -4.97 -23.02 19.03
CA ASP A 483 -6.16 -23.56 19.71
C ASP A 483 -7.18 -22.46 19.96
N PHE A 484 -8.41 -22.88 20.22
CA PHE A 484 -9.49 -21.93 20.51
C PHE A 484 -9.93 -22.05 21.96
N ASP A 485 -9.59 -21.03 22.74
CA ASP A 485 -10.18 -20.82 24.05
C ASP A 485 -11.61 -21.38 24.11
N LYS A 486 -11.81 -22.40 24.94
CA LYS A 486 -13.09 -23.08 25.03
C LYS A 486 -14.15 -22.19 25.71
N GLN A 487 -13.71 -21.20 26.49
CA GLN A 487 -14.65 -20.30 27.15
C GLN A 487 -15.39 -19.40 26.15
N PHE A 488 -14.66 -18.93 25.13
CA PHE A 488 -15.21 -17.91 24.23
C PHE A 488 -15.52 -18.45 22.83
N PHE A 489 -14.76 -19.44 22.39
CA PHE A 489 -14.93 -20.02 21.07
C PHE A 489 -14.89 -21.54 21.19
N PRO A 490 -15.92 -22.11 21.83
CA PRO A 490 -16.00 -23.53 22.23
C PRO A 490 -16.10 -24.48 21.04
N ASP A 491 -16.77 -24.02 19.97
CA ASP A 491 -16.90 -24.81 18.75
C ASP A 491 -16.64 -23.90 17.53
N PRO A 492 -15.41 -23.92 17.01
CA PRO A 492 -15.04 -23.11 15.85
C PRO A 492 -15.82 -23.52 14.60
N LYS A 493 -15.96 -24.82 14.36
CA LYS A 493 -16.65 -25.29 13.17
C LYS A 493 -18.12 -24.87 13.15
N ALA A 494 -18.71 -24.75 14.34
CA ALA A 494 -20.10 -24.33 14.44
C ALA A 494 -20.19 -22.84 14.13
N LEU A 495 -19.15 -22.11 14.50
CA LEU A 495 -19.12 -20.66 14.32
C LEU A 495 -18.97 -20.34 12.84
N VAL A 496 -18.07 -21.05 12.17
CA VAL A 496 -17.89 -20.88 10.74
C VAL A 496 -19.17 -21.29 10.00
N ASP A 497 -19.81 -22.34 10.49
CA ASP A 497 -21.01 -22.82 9.83
C ASP A 497 -22.16 -21.82 9.96
N LYS A 498 -22.23 -21.13 11.09
CA LYS A 498 -23.25 -20.10 11.29
C LYS A 498 -22.94 -18.90 10.41
N VAL A 499 -21.66 -18.54 10.28
CA VAL A 499 -21.32 -17.48 9.34
C VAL A 499 -21.73 -17.90 7.91
N HIS A 500 -21.24 -19.05 7.46
CA HIS A 500 -21.61 -19.53 6.13
C HIS A 500 -23.12 -19.58 5.90
N ALA A 501 -23.88 -20.00 6.92
CA ALA A 501 -25.31 -20.14 6.76
C ALA A 501 -25.95 -18.79 6.59
N MET A 502 -25.25 -17.74 7.01
CA MET A 502 -25.72 -16.37 6.79
C MET A 502 -25.10 -15.79 5.52
N ASN A 503 -24.61 -16.66 4.65
CA ASN A 503 -24.05 -16.26 3.35
C ASN A 503 -22.95 -15.21 3.48
N ALA A 504 -22.13 -15.40 4.49
CA ALA A 504 -20.93 -14.60 4.65
C ALA A 504 -19.72 -15.52 4.69
N GLN A 505 -18.54 -14.92 4.56
CA GLN A 505 -17.28 -15.62 4.74
C GLN A 505 -16.68 -15.10 6.03
N ILE A 506 -15.81 -15.88 6.66
CA ILE A 506 -15.08 -15.40 7.84
C ILE A 506 -13.56 -15.53 7.69
N MET A 507 -12.85 -14.45 8.00
CA MET A 507 -11.40 -14.46 8.00
C MET A 507 -10.85 -14.51 9.43
N ILE A 508 -9.64 -15.04 9.60
CA ILE A 508 -9.05 -15.15 10.95
C ILE A 508 -7.58 -14.70 11.05
N SER A 509 -7.24 -14.05 12.17
CA SER A 509 -5.88 -13.61 12.44
C SER A 509 -4.90 -14.76 12.72
N VAL A 510 -3.76 -14.72 12.04
CA VAL A 510 -2.67 -15.65 12.26
C VAL A 510 -1.36 -14.91 12.07
N TRP A 511 -0.52 -14.94 13.11
CA TRP A 511 0.77 -14.25 13.14
C TRP A 511 1.91 -15.23 12.81
N PRO A 512 3.14 -14.71 12.69
CA PRO A 512 4.30 -15.61 12.59
C PRO A 512 4.90 -15.86 14.00
N LYS A 513 4.07 -15.68 15.02
CA LYS A 513 4.53 -15.54 16.40
C LYS A 513 4.24 -16.78 17.24
N PHE A 514 5.22 -17.24 18.00
CA PHE A 514 5.01 -18.42 18.83
C PHE A 514 5.60 -18.20 20.22
N TYR A 515 4.88 -18.65 21.24
CA TYR A 515 5.44 -18.78 22.58
C TYR A 515 6.26 -20.08 22.61
N PRO A 516 7.41 -20.06 23.30
CA PRO A 516 8.25 -21.26 23.32
C PRO A 516 7.57 -22.38 24.12
N THR A 517 6.54 -22.05 24.91
CA THR A 517 5.84 -23.10 25.64
C THR A 517 5.12 -24.09 24.73
N THR A 518 4.68 -23.60 23.55
CA THR A 518 3.80 -24.36 22.66
C THR A 518 4.53 -25.41 21.81
N ASP A 519 3.79 -26.47 21.47
CA ASP A 519 4.31 -27.56 20.67
C ASP A 519 4.67 -27.09 19.28
N ASN A 520 3.90 -26.15 18.76
CA ASN A 520 4.16 -25.61 17.42
C ASN A 520 5.48 -24.86 17.34
N TYR A 521 5.83 -24.15 18.40
CA TYR A 521 7.15 -23.58 18.50
C TYR A 521 8.20 -24.68 18.45
N LYS A 522 8.09 -25.65 19.37
CA LYS A 522 9.04 -26.74 19.48
C LYS A 522 9.28 -27.45 18.14
N GLU A 523 8.20 -27.64 17.36
CA GLU A 523 8.32 -28.36 16.09
C GLU A 523 9.17 -27.55 15.10
N LEU A 524 8.79 -26.30 14.88
CA LEU A 524 9.59 -25.41 14.06
C LEU A 524 11.02 -25.33 14.62
N ASN A 525 11.15 -25.15 15.92
CA ASN A 525 12.50 -25.00 16.49
C ASN A 525 13.50 -26.15 16.27
N ALA A 526 13.01 -27.40 16.33
CA ALA A 526 13.86 -28.58 16.15
C ALA A 526 14.48 -28.71 14.75
N LYS A 527 13.90 -27.98 13.79
CA LYS A 527 14.43 -27.90 12.43
C LYS A 527 15.33 -26.66 12.27
N GLY A 528 15.40 -25.85 13.32
CA GLY A 528 16.17 -24.61 13.33
C GLY A 528 15.47 -23.40 12.71
N PHE A 529 14.14 -23.44 12.65
CA PHE A 529 13.38 -22.41 11.92
C PHE A 529 12.81 -21.28 12.78
N MET A 530 13.27 -21.15 14.03
CA MET A 530 12.80 -20.07 14.90
C MET A 530 13.89 -19.00 15.07
N PHE A 531 13.48 -17.74 14.95
CA PHE A 531 14.37 -16.61 15.23
C PHE A 531 14.38 -16.40 16.75
N ASN A 532 15.43 -16.90 17.41
CA ASN A 532 15.50 -16.92 18.90
C ASN A 532 16.13 -15.74 19.65
N ARG A 533 16.66 -14.74 18.94
CA ARG A 533 17.34 -13.62 19.58
C ARG A 533 16.41 -12.71 20.41
N ASN A 534 15.11 -12.85 20.20
CA ASN A 534 14.14 -12.08 20.96
C ASN A 534 13.89 -12.73 22.31
N LEU A 535 14.05 -14.04 22.34
CA LEU A 535 13.98 -14.78 23.58
C LEU A 535 15.19 -14.44 24.44
N ASP A 536 16.36 -14.37 23.81
CA ASP A 536 17.61 -14.05 24.52
C ASP A 536 17.48 -12.67 25.15
N GLU A 537 16.93 -11.72 24.39
CA GLU A 537 16.78 -10.35 24.84
C GLU A 537 15.71 -10.27 25.92
N LYS A 538 14.99 -11.38 26.12
CA LYS A 538 13.90 -11.44 27.08
C LYS A 538 12.84 -10.37 26.82
N ASN A 539 12.49 -10.19 25.56
CA ASN A 539 11.47 -9.22 25.20
C ASN A 539 10.06 -9.83 25.32
N LEU A 540 9.34 -9.43 26.36
CA LEU A 540 7.98 -9.90 26.59
C LEU A 540 7.00 -9.07 25.79
N ASP A 541 5.94 -9.70 25.32
CA ASP A 541 4.90 -8.96 24.61
C ASP A 541 4.04 -8.17 25.60
N TRP A 542 2.83 -7.83 25.21
CA TRP A 542 2.00 -6.90 25.95
C TRP A 542 0.80 -7.61 26.53
N ILE A 543 0.80 -8.94 26.46
CA ILE A 543 -0.32 -9.72 26.97
C ILE A 543 -0.09 -10.18 28.42
N GLY A 544 -0.84 -9.58 29.35
CA GLY A 544 -0.76 -9.94 30.76
C GLY A 544 0.51 -9.43 31.42
N LYS A 545 1.12 -10.25 32.27
CA LYS A 545 2.42 -9.92 32.83
C LYS A 545 3.44 -9.79 31.71
N GLY A 546 3.10 -10.37 30.55
CA GLY A 546 3.95 -10.33 29.38
C GLY A 546 4.65 -11.65 29.12
N TYR A 547 4.57 -12.13 27.89
CA TYR A 547 5.11 -13.45 27.55
C TYR A 547 6.36 -13.38 26.67
N LEU A 548 7.22 -14.39 26.80
CA LEU A 548 8.36 -14.57 25.89
C LEU A 548 7.86 -15.08 24.54
N ASN A 549 8.43 -14.58 23.44
CA ASN A 549 7.88 -14.84 22.12
C ASN A 549 8.95 -14.76 21.03
N ALA A 550 8.80 -15.60 20.00
CA ALA A 550 9.69 -15.57 18.85
C ALA A 550 8.89 -15.69 17.55
N PHE A 551 9.47 -15.17 16.46
CA PHE A 551 8.88 -15.30 15.14
C PHE A 551 9.64 -16.34 14.32
N TYR A 552 8.91 -17.07 13.49
CA TYR A 552 9.54 -18.08 12.66
C TYR A 552 10.23 -17.45 11.45
N ASP A 553 10.84 -18.33 10.65
CA ASP A 553 11.74 -17.94 9.58
C ASP A 553 11.19 -18.47 8.26
N PRO A 554 10.55 -17.59 7.47
CA PRO A 554 9.81 -18.04 6.31
C PRO A 554 10.70 -18.16 5.07
N PHE A 555 11.98 -17.81 5.19
CA PHE A 555 12.88 -17.76 4.03
C PHE A 555 13.35 -19.13 3.55
N SER A 556 12.76 -20.18 4.13
CA SER A 556 12.92 -21.53 3.60
CA SER A 556 12.95 -21.56 3.69
C SER A 556 11.58 -22.19 3.43
N PRO A 557 11.38 -22.83 2.27
CA PRO A 557 10.07 -23.44 2.06
C PRO A 557 9.86 -24.66 2.95
N GLU A 558 10.93 -25.32 3.40
CA GLU A 558 10.78 -26.38 4.39
C GLU A 558 10.11 -25.83 5.64
N ALA A 559 10.42 -24.58 5.97
CA ALA A 559 9.82 -23.90 7.12
C ALA A 559 8.37 -23.48 6.89
N THR A 560 8.09 -22.89 5.73
CA THR A 560 6.75 -22.39 5.49
C THR A 560 5.81 -23.57 5.34
N ALA A 561 6.35 -24.70 4.86
CA ALA A 561 5.56 -25.93 4.71
C ALA A 561 5.00 -26.41 6.07
N ILE A 562 5.86 -26.36 7.10
CA ILE A 562 5.47 -26.64 8.49
C ILE A 562 4.50 -25.61 9.05
N PHE A 563 4.84 -24.34 8.90
CA PHE A 563 3.91 -23.30 9.29
C PHE A 563 2.52 -23.61 8.73
N TRP A 564 2.46 -23.86 7.43
CA TRP A 564 1.18 -24.18 6.78
C TRP A 564 0.52 -25.46 7.30
N LYS A 565 1.31 -26.51 7.61
CA LYS A 565 0.70 -27.74 8.10
C LYS A 565 0.11 -27.51 9.47
N GLN A 566 0.78 -26.66 10.26
CA GLN A 566 0.28 -26.29 11.58
C GLN A 566 -1.08 -25.59 11.54
N ILE A 567 -1.20 -24.53 10.75
CA ILE A 567 -2.48 -23.84 10.64
C ILE A 567 -3.50 -24.67 9.87
N ARG A 568 -3.01 -25.56 9.02
CA ARG A 568 -3.92 -26.40 8.24
C ARG A 568 -4.65 -27.30 9.22
N ASP A 569 -3.87 -27.96 10.07
CA ASP A 569 -4.35 -28.93 11.04
C ASP A 569 -5.29 -28.32 12.10
N LYS A 570 -5.06 -27.06 12.44
CA LYS A 570 -5.75 -26.43 13.56
C LYS A 570 -6.90 -25.50 13.16
N ILE A 571 -6.74 -24.82 12.04
CA ILE A 571 -7.69 -23.78 11.67
C ILE A 571 -8.46 -24.12 10.41
N ASN A 572 -7.74 -24.40 9.34
CA ASN A 572 -8.35 -24.74 8.06
C ASN A 572 -9.42 -25.83 8.14
N VAL A 573 -9.19 -26.81 9.02
CA VAL A 573 -10.07 -27.96 9.18
C VAL A 573 -11.51 -27.57 9.57
N HIS A 574 -11.67 -26.40 10.20
CA HIS A 574 -12.98 -25.88 10.58
C HIS A 574 -13.65 -25.01 9.49
N GLY A 575 -12.95 -24.81 8.39
CA GLY A 575 -13.54 -24.17 7.24
C GLY A 575 -13.49 -22.65 7.15
N PHE A 576 -12.62 -22.02 7.93
CA PHE A 576 -12.38 -20.59 7.76
C PHE A 576 -12.02 -20.27 6.31
N ASP A 577 -12.41 -19.09 5.85
CA ASP A 577 -12.36 -18.71 4.45
C ASP A 577 -11.11 -17.99 4.00
N ALA A 578 -10.41 -17.39 4.94
CA ALA A 578 -9.31 -16.52 4.58
C ALA A 578 -8.38 -16.31 5.77
N TRP A 579 -7.16 -15.86 5.49
CA TRP A 579 -6.16 -15.68 6.53
C TRP A 579 -5.73 -14.23 6.60
N TRP A 580 -5.84 -13.67 7.80
CA TRP A 580 -5.38 -12.31 8.05
C TRP A 580 -4.00 -12.43 8.64
N LEU A 581 -2.98 -12.45 7.76
CA LEU A 581 -1.59 -12.57 8.16
C LEU A 581 -1.01 -11.27 8.70
N ASP A 582 -1.20 -11.04 10.00
CA ASP A 582 -0.72 -9.83 10.65
C ASP A 582 0.78 -9.90 10.98
N ALA A 583 1.37 -8.72 11.22
CA ALA A 583 2.71 -8.60 11.81
C ALA A 583 3.81 -9.24 10.99
N VAL A 584 3.71 -9.11 9.68
CA VAL A 584 4.64 -9.77 8.79
C VAL A 584 5.76 -8.86 8.27
N GLU A 585 6.01 -7.74 8.95
CA GLU A 585 7.15 -6.89 8.60
C GLU A 585 8.51 -7.61 8.63
N PRO A 586 8.82 -8.33 9.73
CA PRO A 586 8.00 -8.57 10.91
C PRO A 586 8.16 -7.48 11.97
N ASP A 587 7.21 -7.45 12.91
CA ASP A 587 7.30 -6.61 14.10
C ASP A 587 7.46 -7.54 15.31
N ILE A 588 8.64 -8.15 15.42
CA ILE A 588 8.91 -9.10 16.48
C ILE A 588 8.84 -8.42 17.85
N HIS A 589 9.52 -7.28 18.01
CA HIS A 589 9.34 -6.47 19.20
C HIS A 589 9.20 -4.99 18.85
N SER A 590 8.01 -4.43 19.06
CA SER A 590 7.72 -3.07 18.63
C SER A 590 8.63 -2.04 19.26
N ASN A 591 9.14 -1.13 18.42
CA ASN A 591 9.89 0.04 18.87
C ASN A 591 11.38 -0.15 19.23
N LEU A 592 11.95 -1.28 18.85
CA LEU A 592 13.40 -1.41 18.91
C LEU A 592 13.95 -0.66 17.70
N THR A 593 15.26 -0.44 17.71
CA THR A 593 15.91 0.19 16.57
C THR A 593 15.83 -0.73 15.36
N PHE A 594 15.96 -0.16 14.17
CA PHE A 594 15.87 -0.96 12.95
C PHE A 594 17.10 -1.84 12.80
N GLU A 595 18.18 -1.48 13.49
CA GLU A 595 19.35 -2.36 13.50
C GLU A 595 19.04 -3.57 14.36
N LYS A 596 18.42 -3.33 15.52
CA LYS A 596 18.03 -4.43 16.39
C LYS A 596 17.11 -5.35 15.59
N ARG A 597 16.11 -4.74 14.95
CA ARG A 597 15.16 -5.46 14.10
C ARG A 597 15.92 -6.30 13.06
N LYS A 598 16.96 -5.74 12.46
CA LYS A 598 17.79 -6.48 11.52
C LYS A 598 18.47 -7.66 12.21
N TRP A 599 19.09 -7.34 13.34
CA TRP A 599 19.86 -8.28 14.13
C TRP A 599 18.98 -9.46 14.52
N LEU A 600 17.72 -9.18 14.87
CA LEU A 600 16.79 -10.20 15.36
C LEU A 600 16.47 -11.31 14.34
N MET A 601 16.61 -10.99 13.05
CA MET A 601 16.31 -11.96 12.00
C MET A 601 17.58 -12.65 11.49
N THR A 602 18.67 -12.53 12.24
CA THR A 602 19.94 -13.20 11.91
C THR A 602 20.22 -14.39 12.84
N PRO A 603 20.58 -15.55 12.25
CA PRO A 603 20.64 -15.79 10.81
C PRO A 603 19.35 -16.37 10.24
N ASN A 604 18.91 -15.88 9.09
CA ASN A 604 17.79 -16.48 8.38
C ASN A 604 18.35 -17.33 7.26
N ALA A 605 17.48 -18.01 6.55
CA ALA A 605 17.90 -18.85 5.42
C ALA A 605 18.66 -18.11 4.30
N ARG A 606 18.71 -16.78 4.33
CA ARG A 606 19.26 -16.01 3.21
C ARG A 606 20.41 -15.09 3.60
N GLY A 607 20.91 -15.23 4.81
CA GLY A 607 21.94 -14.35 5.31
C GLY A 607 21.47 -13.54 6.49
N ASN A 608 21.76 -12.24 6.47
CA ASN A 608 21.46 -11.37 7.60
C ASN A 608 20.06 -10.78 7.52
N GLY A 609 19.64 -10.15 8.61
CA GLY A 609 18.35 -9.50 8.63
C GLY A 609 18.32 -8.34 7.66
N ALA A 610 19.48 -7.69 7.48
CA ALA A 610 19.59 -6.52 6.64
C ALA A 610 19.45 -6.84 5.15
N GLU A 611 19.95 -8.01 4.75
CA GLU A 611 19.93 -8.46 3.35
C GLU A 611 18.51 -8.83 2.84
N ILE A 612 17.55 -8.97 3.74
CA ILE A 612 16.20 -9.36 3.35
C ILE A 612 15.14 -8.52 4.04
N PHE A 613 15.53 -7.35 4.54
CA PHE A 613 14.65 -6.56 5.40
C PHE A 613 13.26 -6.27 4.82
N ASN A 614 13.14 -6.18 3.50
CA ASN A 614 11.85 -5.82 2.94
C ASN A 614 11.01 -7.01 2.53
N ALA A 615 11.59 -8.20 2.57
CA ALA A 615 11.04 -9.33 1.82
C ALA A 615 10.21 -10.38 2.59
N TYR A 616 10.13 -10.25 3.91
CA TYR A 616 9.47 -11.25 4.75
C TYR A 616 8.11 -11.74 4.21
N ALA A 617 7.22 -10.81 3.89
CA ALA A 617 5.85 -11.20 3.56
C ALA A 617 5.72 -12.11 2.34
N VAL A 618 6.64 -12.04 1.39
CA VAL A 618 6.44 -12.80 0.16
C VAL A 618 6.50 -14.34 0.36
N PRO A 619 7.65 -14.87 0.80
CA PRO A 619 7.75 -16.31 1.08
C PRO A 619 6.75 -16.76 2.12
N HIS A 620 6.41 -15.85 3.05
CA HIS A 620 5.50 -16.18 4.12
C HIS A 620 4.12 -16.43 3.53
N ALA A 621 3.63 -15.47 2.74
CA ALA A 621 2.35 -15.62 2.09
C ALA A 621 2.40 -16.71 1.02
N GLU A 622 3.54 -16.84 0.35
CA GLU A 622 3.67 -17.92 -0.63
C GLU A 622 3.36 -19.30 -0.04
N GLY A 623 3.94 -19.60 1.12
CA GLY A 623 3.68 -20.85 1.80
C GLY A 623 2.20 -21.08 2.09
N VAL A 624 1.53 -20.08 2.65
CA VAL A 624 0.10 -20.21 2.88
C VAL A 624 -0.66 -20.46 1.57
N TYR A 625 -0.31 -19.71 0.53
CA TYR A 625 -0.99 -19.82 -0.76
C TYR A 625 -0.73 -21.21 -1.35
N GLN A 626 0.51 -21.66 -1.30
CA GLN A 626 0.87 -22.94 -1.91
C GLN A 626 0.21 -24.13 -1.19
N GLY A 627 0.09 -24.02 0.14
CA GLY A 627 -0.57 -25.04 0.93
C GLY A 627 -2.05 -25.14 0.63
N GLU A 628 -2.72 -23.98 0.58
CA GLU A 628 -4.11 -23.91 0.15
C GLU A 628 -4.29 -24.57 -1.21
N LEU A 629 -3.47 -24.18 -2.18
CA LEU A 629 -3.48 -24.84 -3.49
C LEU A 629 -3.41 -26.37 -3.31
N ALA A 630 -2.42 -26.84 -2.56
CA ALA A 630 -2.29 -28.29 -2.29
C ALA A 630 -3.56 -28.87 -1.67
N THR A 631 -4.18 -28.12 -0.77
CA THR A 631 -5.39 -28.56 -0.08
C THR A 631 -6.60 -28.64 -0.99
N ASP A 632 -7.00 -27.50 -1.54
CA ASP A 632 -8.12 -27.46 -2.48
C ASP A 632 -7.72 -26.84 -3.82
N GLY A 633 -7.61 -27.69 -4.83
CA GLY A 633 -7.18 -27.25 -6.15
C GLY A 633 -8.29 -26.62 -6.96
N ASP A 634 -9.42 -26.31 -6.33
CA ASP A 634 -10.51 -25.63 -7.03
C ASP A 634 -11.24 -24.54 -6.22
N LYS A 635 -10.59 -24.01 -5.17
CA LYS A 635 -11.12 -22.88 -4.41
C LYS A 635 -10.12 -21.73 -4.36
N ARG A 636 -10.60 -20.52 -4.66
CA ARG A 636 -9.77 -19.33 -4.50
C ARG A 636 -9.51 -19.06 -3.03
N SER A 637 -8.24 -19.03 -2.65
CA SER A 637 -7.82 -18.60 -1.31
C SER A 637 -7.81 -17.09 -1.22
N PHE A 638 -7.87 -16.57 0.00
CA PHE A 638 -7.62 -15.15 0.21
C PHE A 638 -6.74 -14.88 1.43
N ILE A 639 -5.73 -14.03 1.25
CA ILE A 639 -4.93 -13.52 2.36
C ILE A 639 -4.97 -12.00 2.43
N LEU A 640 -5.17 -11.46 3.62
CA LEU A 640 -4.89 -10.05 3.86
C LEU A 640 -3.64 -9.98 4.71
N THR A 641 -2.68 -9.16 4.30
CA THR A 641 -1.42 -9.07 5.03
C THR A 641 -0.90 -7.65 5.13
N ARG A 642 -0.12 -7.38 6.17
CA ARG A 642 0.20 -6.01 6.56
C ARG A 642 1.54 -5.54 5.98
N SER A 643 2.16 -6.39 5.19
CA SER A 643 3.41 -6.01 4.52
C SER A 643 3.53 -6.72 3.18
N GLY A 644 4.50 -6.29 2.39
CA GLY A 644 4.66 -6.84 1.07
C GLY A 644 5.98 -6.42 0.48
N PHE A 645 6.11 -6.70 -0.81
CA PHE A 645 7.31 -6.48 -1.58
C PHE A 645 6.91 -6.94 -2.97
N GLY A 646 7.79 -6.76 -3.95
CA GLY A 646 7.53 -7.26 -5.29
C GLY A 646 7.12 -8.72 -5.27
N GLY A 647 6.02 -9.03 -5.97
CA GLY A 647 5.52 -10.38 -6.11
C GLY A 647 4.40 -10.77 -5.17
N ILE A 648 4.10 -9.91 -4.20
CA ILE A 648 3.09 -10.26 -3.19
C ILE A 648 1.76 -10.66 -3.84
N GLN A 649 1.42 -9.99 -4.94
CA GLN A 649 0.16 -10.23 -5.64
C GLN A 649 0.08 -11.63 -6.20
N ARG A 650 1.23 -12.29 -6.36
CA ARG A 650 1.21 -13.68 -6.81
C ARG A 650 0.75 -14.69 -5.75
N THR A 651 0.51 -14.23 -4.53
CA THR A 651 0.08 -15.13 -3.43
C THR A 651 -1.41 -14.97 -3.07
N GLY A 652 -2.12 -14.17 -3.88
CA GLY A 652 -3.55 -14.01 -3.74
C GLY A 652 -3.84 -13.19 -2.52
N SER A 653 -2.97 -12.22 -2.27
CA SER A 653 -3.04 -11.43 -1.04
C SER A 653 -3.42 -9.99 -1.35
N ALA A 654 -4.14 -9.38 -0.43
CA ALA A 654 -4.28 -7.94 -0.45
C ALA A 654 -3.45 -7.44 0.70
N ILE A 655 -3.03 -6.19 0.62
CA ILE A 655 -2.29 -5.56 1.69
C ILE A 655 -3.07 -4.40 2.26
N TRP A 656 -2.81 -4.01 3.50
CA TRP A 656 -3.39 -2.78 4.03
C TRP A 656 -2.35 -1.95 4.76
N SER A 657 -2.68 -0.71 5.08
CA SER A 657 -1.65 0.25 5.49
C SER A 657 -1.35 0.11 6.97
N GLY A 658 -2.02 -0.85 7.60
CA GLY A 658 -1.74 -1.19 8.98
C GLY A 658 -2.38 -0.26 9.99
N ASP A 659 -1.59 0.14 10.99
CA ASP A 659 -2.10 0.83 12.17
C ASP A 659 -2.09 2.36 12.06
N ILE A 660 -2.80 2.89 11.08
CA ILE A 660 -2.94 4.32 10.96
C ILE A 660 -3.81 4.84 12.11
N VAL A 661 -3.85 6.16 12.31
CA VAL A 661 -4.67 6.72 13.40
C VAL A 661 -5.93 7.41 12.88
N SER A 662 -6.86 7.65 13.79
CA SER A 662 -8.13 8.28 13.44
C SER A 662 -7.98 9.80 13.36
N ARG A 663 -7.04 10.24 12.52
CA ARG A 663 -6.80 11.64 12.25
C ARG A 663 -7.13 11.99 10.79
N TRP A 664 -7.40 13.26 10.50
CA TRP A 664 -7.66 13.67 9.13
C TRP A 664 -6.40 13.61 8.28
N SER A 665 -5.27 14.01 8.86
CA SER A 665 -4.03 14.02 8.13
C SER A 665 -3.74 12.60 7.62
N ASP A 666 -4.14 11.62 8.41
CA ASP A 666 -3.90 10.23 8.06
C ASP A 666 -4.81 9.76 6.94
N MET A 667 -6.07 10.12 7.03
CA MET A 667 -7.01 9.80 5.98
C MET A 667 -6.48 10.40 4.68
N LYS A 668 -6.15 11.69 4.71
CA LYS A 668 -5.64 12.32 3.50
C LYS A 668 -4.44 11.53 2.97
N ASP A 669 -3.48 11.24 3.84
CA ASP A 669 -2.28 10.53 3.42
C ASP A 669 -2.57 9.17 2.78
N GLN A 670 -3.68 8.54 3.14
CA GLN A 670 -3.97 7.21 2.61
C GLN A 670 -4.18 7.24 1.08
N ILE A 671 -4.64 8.38 0.56
CA ILE A 671 -4.80 8.55 -0.89
C ILE A 671 -3.47 8.35 -1.63
N ALA A 672 -2.43 9.07 -1.22
CA ALA A 672 -1.11 8.86 -1.84
C ALA A 672 -0.60 7.44 -1.59
N ALA A 673 -0.94 6.89 -0.43
CA ALA A 673 -0.49 5.54 -0.05
C ALA A 673 -1.04 4.47 -1.00
N GLY A 674 -2.34 4.49 -1.25
CA GLY A 674 -2.96 3.57 -2.18
C GLY A 674 -2.54 3.83 -3.63
N ILE A 675 -2.45 5.10 -4.01
CA ILE A 675 -1.98 5.42 -5.35
C ILE A 675 -0.60 4.82 -5.59
N GLY A 676 0.32 5.07 -4.66
CA GLY A 676 1.71 4.68 -4.81
C GLY A 676 1.81 3.17 -4.89
N THR A 677 0.95 2.49 -4.15
CA THR A 677 0.93 1.03 -4.18
C THR A 677 0.43 0.47 -5.51
N ASN A 678 -0.70 0.96 -5.99
CA ASN A 678 -1.18 0.53 -7.30
C ASN A 678 -0.19 0.81 -8.43
N LEU A 679 0.44 1.97 -8.39
CA LEU A 679 1.36 2.33 -9.46
C LEU A 679 2.68 1.59 -9.30
N ALA A 680 2.83 0.91 -8.16
CA ALA A 680 3.98 0.04 -7.96
C ALA A 680 3.68 -1.36 -8.49
N GLY A 681 2.42 -1.60 -8.84
CA GLY A 681 2.05 -2.83 -9.52
C GLY A 681 1.24 -3.75 -8.63
N VAL A 682 0.91 -3.27 -7.43
CA VAL A 682 0.10 -4.04 -6.49
C VAL A 682 -1.22 -3.30 -6.27
N THR A 683 -2.31 -3.88 -6.77
CA THR A 683 -3.55 -3.13 -6.82
C THR A 683 -4.51 -3.45 -5.69
N ASN A 684 -4.61 -4.72 -5.30
CA ASN A 684 -5.49 -5.12 -4.20
C ASN A 684 -4.98 -4.61 -2.88
N TRP A 685 -5.51 -3.45 -2.46
CA TRP A 685 -4.99 -2.71 -1.32
C TRP A 685 -6.15 -2.11 -0.52
N THR A 686 -5.94 -1.93 0.79
CA THR A 686 -6.97 -1.28 1.58
C THR A 686 -6.39 -0.64 2.83
N PHE A 687 -7.27 -0.10 3.66
CA PHE A 687 -6.88 0.50 4.93
C PHE A 687 -7.96 0.22 5.98
N ASP A 688 -7.72 0.61 7.22
CA ASP A 688 -8.76 0.54 8.24
C ASP A 688 -9.65 1.75 8.11
N ILE A 689 -10.84 1.62 7.52
CA ILE A 689 -11.79 2.73 7.53
C ILE A 689 -12.00 3.24 8.95
N GLY A 690 -11.59 4.48 9.18
CA GLY A 690 -11.82 5.15 10.45
C GLY A 690 -10.55 5.23 11.26
N GLY A 691 -9.50 4.59 10.74
CA GLY A 691 -8.22 4.50 11.43
C GLY A 691 -8.20 3.38 12.46
N PHE A 692 -7.03 2.76 12.63
CA PHE A 692 -6.86 1.71 13.64
C PHE A 692 -7.04 2.23 15.07
N THR A 693 -6.32 3.29 15.43
CA THR A 693 -6.45 3.86 16.80
C THR A 693 -6.96 5.31 16.85
N PRO A 694 -8.12 5.53 17.48
CA PRO A 694 -8.58 6.89 17.80
C PRO A 694 -7.80 7.44 18.98
N GLU A 695 -7.82 8.76 19.15
CA GLU A 695 -7.27 9.37 20.36
C GLU A 695 -8.06 8.87 21.56
N ASP A 696 -7.55 9.19 22.75
CA ASP A 696 -8.22 8.86 24.01
C ASP A 696 -9.56 9.57 24.18
N ARG A 697 -9.65 10.79 23.67
CA ARG A 697 -10.92 11.52 23.72
C ARG A 697 -12.08 10.70 23.17
N PHE A 698 -11.77 9.74 22.30
CA PHE A 698 -12.79 8.91 21.62
C PHE A 698 -12.99 7.54 22.27
N ARG A 699 -11.93 7.00 22.87
CA ARG A 699 -11.96 5.62 23.37
C ARG A 699 -12.60 5.54 24.74
N HIS A 700 -12.61 6.68 25.42
CA HIS A 700 -12.91 6.72 26.84
C HIS A 700 -13.61 8.02 27.22
N GLY A 701 -14.77 7.91 27.84
CA GLY A 701 -15.49 9.09 28.29
C GLY A 701 -15.91 9.05 29.75
N LYS A 702 -16.83 9.94 30.11
CA LYS A 702 -17.43 9.97 31.43
C LYS A 702 -18.25 8.71 31.70
N LYS A 703 -18.70 8.06 30.64
CA LYS A 703 -19.50 6.85 30.78
C LYS A 703 -18.61 5.62 30.65
N GLY A 704 -17.30 5.83 30.73
CA GLY A 704 -16.34 4.74 30.70
C GLY A 704 -15.86 4.31 29.33
N PHE A 705 -15.63 3.01 29.19
CA PHE A 705 -15.20 2.43 27.92
C PHE A 705 -16.24 2.66 26.84
N VAL A 706 -15.82 3.28 25.74
CA VAL A 706 -16.74 3.64 24.67
C VAL A 706 -16.86 2.49 23.69
N GLY A 707 -18.02 1.85 23.63
CA GLY A 707 -18.27 0.86 22.60
C GLY A 707 -19.06 1.48 21.46
N SER A 708 -20.33 1.72 21.77
CA SER A 708 -21.25 2.38 20.86
C SER A 708 -21.01 3.87 21.02
N TRP A 709 -21.33 4.64 19.98
CA TRP A 709 -21.17 6.09 19.95
C TRP A 709 -21.95 6.75 21.11
N THR A 710 -22.97 6.05 21.59
CA THR A 710 -23.81 6.53 22.70
C THR A 710 -23.01 6.82 23.97
N ALA A 711 -21.85 6.19 24.10
CA ALA A 711 -21.05 6.26 25.31
C ALA A 711 -20.01 7.38 25.19
N LEU A 712 -19.97 8.03 24.03
CA LEU A 712 -19.05 9.14 23.80
C LEU A 712 -19.47 10.37 24.59
N ASP A 713 -18.49 11.05 25.19
CA ASP A 713 -18.71 12.40 25.71
C ASP A 713 -19.35 13.25 24.62
N ALA A 714 -20.42 13.96 24.94
CA ALA A 714 -21.20 14.71 23.95
C ALA A 714 -20.37 15.52 22.96
N GLU A 715 -19.37 16.25 23.46
CA GLU A 715 -18.59 17.14 22.62
C GLU A 715 -17.78 16.43 21.52
N GLN A 716 -17.63 15.12 21.61
CA GLN A 716 -16.82 14.37 20.62
C GLN A 716 -17.66 13.73 19.52
N VAL A 717 -18.93 13.49 19.82
CA VAL A 717 -19.81 12.76 18.92
C VAL A 717 -19.74 13.29 17.49
N ASP A 718 -19.72 14.60 17.34
CA ASP A 718 -19.80 15.19 16.01
C ASP A 718 -18.65 14.77 15.10
N GLU A 719 -17.42 14.90 15.63
CA GLU A 719 -16.23 14.64 14.84
C GLU A 719 -16.07 13.13 14.63
N TRP A 720 -16.46 12.35 15.63
CA TRP A 720 -16.39 10.91 15.45
C TRP A 720 -17.31 10.50 14.31
N GLN A 721 -18.50 11.09 14.27
CA GLN A 721 -19.43 10.68 13.22
C GLN A 721 -19.07 11.23 11.85
N GLU A 722 -18.52 12.45 11.80
CA GLU A 722 -18.13 13.04 10.53
C GLU A 722 -16.86 12.38 9.98
N LEU A 723 -15.91 12.11 10.85
CA LEU A 723 -14.69 11.47 10.38
C LEU A 723 -15.03 10.10 9.79
N ASN A 724 -15.90 9.38 10.47
CA ASN A 724 -16.29 8.07 9.96
C ASN A 724 -17.11 8.15 8.66
N THR A 725 -17.99 9.14 8.55
CA THR A 725 -18.78 9.30 7.34
C THR A 725 -17.89 9.53 6.12
N ARG A 726 -16.94 10.44 6.27
CA ARG A 726 -16.03 10.80 5.20
C ARG A 726 -15.12 9.63 4.82
N TRP A 727 -14.77 8.84 5.83
CA TRP A 727 -13.86 7.74 5.60
C TRP A 727 -14.56 6.54 4.96
N TYR A 728 -15.84 6.34 5.31
CA TYR A 728 -16.63 5.29 4.68
C TYR A 728 -16.80 5.59 3.17
N GLN A 729 -17.05 6.87 2.86
CA GLN A 729 -17.13 7.33 1.48
C GLN A 729 -15.87 6.98 0.71
N PHE A 730 -14.73 7.35 1.27
CA PHE A 730 -13.43 7.08 0.68
C PHE A 730 -13.27 5.55 0.58
N GLY A 731 -13.69 4.84 1.62
CA GLY A 731 -13.48 3.40 1.70
C GLY A 731 -14.16 2.63 0.59
N ALA A 732 -15.38 3.04 0.26
CA ALA A 732 -16.14 2.37 -0.79
C ALA A 732 -15.51 2.57 -2.16
N PHE A 733 -14.52 3.46 -2.25
CA PHE A 733 -13.86 3.68 -3.53
C PHE A 733 -12.38 3.35 -3.50
N VAL A 734 -11.99 2.43 -2.64
CA VAL A 734 -10.65 1.84 -2.75
C VAL A 734 -10.82 0.36 -3.11
N PRO A 735 -9.75 -0.32 -3.53
CA PRO A 735 -9.91 -1.69 -4.05
C PRO A 735 -10.68 -2.64 -3.12
N LEU A 736 -10.33 -2.69 -1.84
CA LEU A 736 -11.14 -3.43 -0.86
C LEU A 736 -11.78 -2.49 0.15
N TYR A 737 -13.00 -2.79 0.52
CA TYR A 737 -13.84 -1.90 1.30
C TYR A 737 -13.98 -2.52 2.68
N ARG A 738 -13.29 -1.95 3.66
CA ARG A 738 -13.17 -2.63 4.96
C ARG A 738 -13.13 -1.73 6.17
N SER A 739 -14.05 -1.96 7.10
CA SER A 739 -14.09 -1.26 8.37
C SER A 739 -13.39 -2.11 9.43
N HIS A 740 -12.43 -1.51 10.16
CA HIS A 740 -11.71 -2.20 11.23
C HIS A 740 -11.10 -1.22 12.21
N GLY A 741 -10.75 -1.70 13.40
CA GLY A 741 -10.03 -0.87 14.33
C GLY A 741 -10.37 -1.09 15.79
N GLN A 742 -9.66 -0.35 16.64
CA GLN A 742 -9.84 -0.43 18.08
C GLN A 742 -11.03 0.42 18.46
N ASN A 743 -11.56 0.20 19.66
CA ASN A 743 -12.78 0.88 20.11
C ASN A 743 -12.66 2.40 19.96
N PRO A 744 -13.79 3.10 19.71
CA PRO A 744 -15.16 2.55 19.67
C PRO A 744 -15.40 1.50 18.57
N TYR A 745 -16.54 0.83 18.68
CA TYR A 745 -16.91 -0.19 17.71
C TYR A 745 -17.19 0.45 16.35
N ARG A 746 -16.87 -0.27 15.27
CA ARG A 746 -16.95 0.36 13.93
C ARG A 746 -18.10 -0.03 12.99
N GLU A 747 -18.96 -0.97 13.38
CA GLU A 747 -20.17 -1.24 12.62
C GLU A 747 -20.96 0.07 12.46
N ILE A 748 -21.57 0.21 11.29
CA ILE A 748 -22.30 1.40 10.93
C ILE A 748 -23.31 1.77 12.01
N PHE A 749 -23.97 0.76 12.57
CA PHE A 749 -24.98 0.97 13.61
C PHE A 749 -24.40 1.25 15.01
N ASN A 750 -23.07 1.15 15.15
CA ASN A 750 -22.41 1.62 16.37
C ASN A 750 -21.76 3.00 16.22
N ILE A 751 -21.65 3.45 14.98
CA ILE A 751 -21.17 4.80 14.74
C ILE A 751 -22.29 5.83 14.86
N ALA A 752 -23.52 5.44 14.51
CA ALA A 752 -24.67 6.35 14.60
C ALA A 752 -25.99 5.60 14.63
N ASP A 753 -27.07 6.29 14.96
CA ASP A 753 -28.40 5.66 15.00
C ASP A 753 -29.09 5.57 13.62
N GLU A 754 -29.97 4.57 13.48
CA GLU A 754 -30.81 4.45 12.31
C GLU A 754 -31.58 5.74 12.05
N GLY A 755 -31.67 6.11 10.78
CA GLY A 755 -32.44 7.29 10.40
C GLY A 755 -31.62 8.56 10.30
N THR A 756 -30.55 8.69 11.07
CA THR A 756 -29.74 9.90 11.06
C THR A 756 -29.08 10.09 9.71
N GLU A 757 -28.63 11.32 9.47
CA GLU A 757 -28.05 11.62 8.18
C GLU A 757 -26.81 10.77 7.96
N VAL A 758 -25.96 10.66 8.99
CA VAL A 758 -24.70 9.95 8.81
C VAL A 758 -24.90 8.45 8.65
N TYR A 759 -25.81 7.86 9.43
CA TYR A 759 -26.16 6.45 9.29
C TYR A 759 -26.59 6.23 7.83
N ASN A 760 -27.51 7.06 7.36
CA ASN A 760 -28.03 6.89 6.02
C ASN A 760 -26.97 7.05 4.94
N ALA A 761 -26.01 7.95 5.17
CA ALA A 761 -24.94 8.15 4.19
C ALA A 761 -24.03 6.94 4.16
N MET A 762 -23.74 6.36 5.33
CA MET A 762 -22.84 5.23 5.36
C MET A 762 -23.51 4.04 4.70
N VAL A 763 -24.81 3.87 4.97
CA VAL A 763 -25.55 2.76 4.39
C VAL A 763 -25.63 2.94 2.86
N TRP A 764 -25.84 4.19 2.43
CA TRP A 764 -25.96 4.51 1.02
C TRP A 764 -24.68 4.13 0.27
N TYR A 765 -23.53 4.53 0.79
CA TYR A 765 -22.30 4.17 0.11
C TYR A 765 -22.01 2.67 0.14
N THR A 766 -22.53 1.96 1.14
CA THR A 766 -22.35 0.52 1.18
C THR A 766 -23.20 -0.12 0.09
N LYS A 767 -24.48 0.26 0.07
CA LYS A 767 -25.36 -0.14 -1.03
C LYS A 767 -24.76 0.20 -2.39
N LEU A 768 -24.18 1.39 -2.51
CA LEU A 768 -23.71 1.83 -3.83
C LEU A 768 -22.60 0.87 -4.27
N ARG A 769 -21.80 0.40 -3.30
CA ARG A 769 -20.73 -0.54 -3.60
C ARG A 769 -21.30 -1.78 -4.30
N TYR A 770 -22.42 -2.27 -3.78
CA TYR A 770 -23.04 -3.47 -4.31
C TYR A 770 -23.81 -3.20 -5.59
N TYR A 771 -24.41 -2.02 -5.71
CA TYR A 771 -25.00 -1.63 -6.98
C TYR A 771 -23.91 -1.65 -8.05
N LEU A 772 -22.69 -1.31 -7.66
CA LEU A 772 -21.59 -1.18 -8.60
C LEU A 772 -20.81 -2.47 -8.85
N MET A 773 -21.24 -3.56 -8.22
CA MET A 773 -20.48 -4.79 -8.25
C MET A 773 -20.13 -5.29 -9.67
N PRO A 774 -21.12 -5.25 -10.61
CA PRO A 774 -20.76 -5.62 -12.01
C PRO A 774 -19.57 -4.81 -12.57
N TYR A 775 -19.48 -3.53 -12.23
CA TYR A 775 -18.34 -2.69 -12.62
C TYR A 775 -17.11 -3.07 -11.82
N ILE A 776 -17.26 -3.12 -10.50
CA ILE A 776 -16.16 -3.40 -9.60
C ILE A 776 -15.48 -4.76 -9.86
N TYR A 777 -16.28 -5.81 -9.97
CA TYR A 777 -15.72 -7.13 -10.12
C TYR A 777 -15.11 -7.28 -11.49
N THR A 778 -15.56 -6.46 -12.46
CA THR A 778 -14.90 -6.42 -13.76
C THR A 778 -13.46 -5.95 -13.55
N LEU A 779 -13.30 -4.85 -12.81
CA LEU A 779 -11.95 -4.42 -12.43
C LEU A 779 -11.22 -5.59 -11.76
N GLY A 780 -11.95 -6.31 -10.89
CA GLY A 780 -11.40 -7.47 -10.18
C GLY A 780 -10.90 -8.53 -11.14
N GLY A 781 -11.70 -8.82 -12.17
CA GLY A 781 -11.30 -9.77 -13.18
C GLY A 781 -10.08 -9.25 -13.92
N ASP A 782 -10.14 -7.97 -14.27
CA ASP A 782 -9.07 -7.34 -15.03
C ASP A 782 -7.70 -7.41 -14.33
N THR A 783 -7.65 -7.31 -13.00
CA THR A 783 -6.35 -7.41 -12.29
C THR A 783 -5.54 -8.63 -12.77
N TYR A 784 -6.22 -9.73 -13.05
CA TYR A 784 -5.57 -10.93 -13.53
C TYR A 784 -5.48 -10.98 -15.07
N HIS A 785 -6.64 -11.02 -15.73
CA HIS A 785 -6.71 -11.20 -17.17
C HIS A 785 -6.11 -10.05 -17.99
N LYS A 786 -6.14 -8.84 -17.46
CA LYS A 786 -5.62 -7.70 -18.20
C LYS A 786 -4.49 -6.98 -17.50
N ASP A 787 -3.87 -7.63 -16.52
CA ASP A 787 -2.80 -7.00 -15.73
C ASP A 787 -3.26 -5.60 -15.25
N GLY A 788 -4.53 -5.54 -14.85
CA GLY A 788 -5.16 -4.28 -14.48
C GLY A 788 -4.83 -3.71 -13.11
N THR A 789 -5.14 -2.42 -12.98
CA THR A 789 -4.88 -1.59 -11.81
C THR A 789 -6.19 -0.87 -11.47
N ILE A 790 -6.65 -1.07 -10.23
CA ILE A 790 -7.95 -0.57 -9.80
C ILE A 790 -7.91 0.88 -9.36
N MET A 791 -6.95 1.22 -8.51
CA MET A 791 -6.87 2.55 -7.92
C MET A 791 -5.77 3.35 -8.63
N ARG A 792 -6.17 4.30 -9.46
CA ARG A 792 -5.26 4.84 -10.45
C ARG A 792 -4.88 6.30 -10.21
N GLY A 793 -3.59 6.56 -10.04
CA GLY A 793 -3.10 7.92 -10.05
C GLY A 793 -3.43 8.52 -11.41
N LEU A 794 -3.65 9.84 -11.44
CA LEU A 794 -4.13 10.49 -12.66
C LEU A 794 -3.17 10.39 -13.84
N VAL A 795 -1.90 10.08 -13.57
CA VAL A 795 -0.93 9.98 -14.65
C VAL A 795 -1.22 8.79 -15.57
N MET A 796 -1.91 7.78 -15.04
CA MET A 796 -2.22 6.58 -15.81
C MET A 796 -3.20 6.88 -16.95
N ASP A 797 -4.19 7.73 -16.66
CA ASP A 797 -5.24 7.99 -17.65
C ASP A 797 -5.15 9.36 -18.31
N PHE A 798 -4.36 10.26 -17.72
CA PHE A 798 -4.10 11.59 -18.27
C PHE A 798 -2.62 11.90 -18.19
N PRO A 799 -1.79 11.07 -18.82
CA PRO A 799 -0.32 11.15 -18.83
C PRO A 799 0.25 12.41 -19.48
N ASN A 800 -0.56 13.11 -20.29
CA ASN A 800 -0.06 14.27 -21.02
C ASN A 800 -0.40 15.55 -20.29
N ASP A 801 -0.93 15.38 -19.08
CA ASP A 801 -1.37 16.53 -18.29
C ASP A 801 -0.46 16.68 -17.06
N ARG A 802 0.50 17.58 -17.15
CA ARG A 802 1.48 17.72 -16.09
C ARG A 802 0.83 18.10 -14.76
N LYS A 803 -0.17 18.97 -14.81
CA LYS A 803 -0.87 19.39 -13.60
C LYS A 803 -1.57 18.22 -12.90
N ALA A 804 -2.01 17.22 -13.65
CA ALA A 804 -2.62 16.04 -13.03
C ALA A 804 -1.57 15.20 -12.29
N TRP A 805 -0.37 15.11 -12.86
CA TRP A 805 0.71 14.31 -12.28
C TRP A 805 0.87 14.49 -10.79
N ASP A 806 0.88 15.74 -10.33
CA ASP A 806 1.28 16.06 -8.96
C ASP A 806 0.17 15.85 -7.92
N ILE A 807 -1.07 15.82 -8.40
CA ILE A 807 -2.23 15.74 -7.54
C ILE A 807 -2.20 14.54 -6.60
N ASN A 808 -2.45 14.80 -5.32
CA ASN A 808 -2.40 13.76 -4.30
C ASN A 808 -3.67 13.60 -3.44
N THR A 809 -4.79 14.13 -3.90
CA THR A 809 -6.04 14.00 -3.16
C THR A 809 -7.20 13.60 -4.05
N GLN A 810 -6.89 13.21 -5.29
CA GLN A 810 -7.88 12.65 -6.18
C GLN A 810 -7.31 11.42 -6.89
N TYR A 811 -8.18 10.58 -7.44
CA TYR A 811 -7.71 9.47 -8.27
C TYR A 811 -8.85 8.86 -9.08
N MET A 812 -8.47 8.06 -10.08
CA MET A 812 -9.44 7.30 -10.86
C MET A 812 -9.69 5.96 -10.20
N PHE A 813 -10.95 5.65 -9.98
CA PHE A 813 -11.35 4.35 -9.49
C PHE A 813 -11.94 3.57 -10.65
N GLY A 814 -11.12 2.78 -11.32
CA GLY A 814 -11.56 2.17 -12.54
C GLY A 814 -11.47 3.25 -13.60
N PRO A 815 -11.88 2.93 -14.84
CA PRO A 815 -11.87 3.86 -15.97
C PRO A 815 -12.89 5.00 -15.83
N ALA A 816 -13.94 4.83 -15.03
CA ALA A 816 -15.03 5.82 -15.05
C ALA A 816 -14.97 6.90 -13.97
N PHE A 817 -14.67 6.52 -12.72
CA PHE A 817 -14.88 7.40 -11.58
C PHE A 817 -13.68 8.22 -11.14
N LEU A 818 -13.82 9.54 -11.20
CA LEU A 818 -12.87 10.43 -10.56
C LEU A 818 -13.31 10.64 -9.10
N VAL A 819 -12.57 10.04 -8.16
CA VAL A 819 -12.94 10.08 -6.76
C VAL A 819 -12.18 11.20 -6.06
N ASN A 820 -12.87 11.94 -5.20
CA ASN A 820 -12.26 13.09 -4.51
C ASN A 820 -12.66 13.16 -3.05
N PRO A 821 -11.97 12.37 -2.21
CA PRO A 821 -12.34 12.26 -0.80
C PRO A 821 -12.25 13.61 -0.10
N VAL A 822 -13.21 13.89 0.78
CA VAL A 822 -13.16 15.07 1.65
C VAL A 822 -12.33 14.71 2.89
N TYR A 823 -11.24 15.45 3.10
CA TYR A 823 -10.25 15.09 4.11
C TYR A 823 -10.06 16.18 5.18
N GLU A 824 -11.03 17.07 5.31
CA GLU A 824 -10.96 18.18 6.28
C GLU A 824 -12.22 18.27 7.12
N TYR A 825 -12.07 18.17 8.44
CA TYR A 825 -13.21 18.30 9.35
C TYR A 825 -14.05 19.55 9.04
N LYS A 826 -15.36 19.36 8.93
CA LYS A 826 -16.32 20.45 8.75
C LYS A 826 -16.35 21.07 7.35
N ALA A 827 -15.51 20.60 6.44
CA ALA A 827 -15.54 21.07 5.05
C ALA A 827 -16.85 20.66 4.38
N ARG A 828 -17.46 21.59 3.64
CA ARG A 828 -18.69 21.30 2.91
C ARG A 828 -18.50 21.48 1.40
N SER A 829 -17.24 21.57 1.00
CA SER A 829 -16.86 21.54 -0.40
C SER A 829 -15.35 21.37 -0.46
N ARG A 830 -14.83 21.01 -1.64
CA ARG A 830 -13.39 20.94 -1.83
C ARG A 830 -13.04 21.26 -3.26
N ASP A 831 -11.87 21.85 -3.47
CA ASP A 831 -11.37 22.03 -4.81
C ASP A 831 -11.22 20.67 -5.48
N VAL A 832 -11.62 20.59 -6.74
CA VAL A 832 -11.39 19.39 -7.52
C VAL A 832 -10.84 19.78 -8.87
N TYR A 833 -9.71 19.20 -9.25
CA TYR A 833 -9.18 19.44 -10.59
C TYR A 833 -9.80 18.46 -11.59
N LEU A 834 -10.44 18.99 -12.64
CA LEU A 834 -10.96 18.12 -13.69
C LEU A 834 -9.97 18.04 -14.84
N PRO A 835 -9.35 16.86 -15.04
CA PRO A 835 -8.27 16.72 -16.03
C PRO A 835 -8.68 17.12 -17.43
N ALA A 836 -7.71 17.54 -18.24
CA ALA A 836 -7.95 18.11 -19.56
C ALA A 836 -8.30 17.10 -20.68
N GLY A 837 -9.00 17.57 -21.70
CA GLY A 837 -9.27 16.75 -22.87
C GLY A 837 -10.40 15.76 -22.69
N SER A 838 -11.03 15.78 -21.53
CA SER A 838 -12.22 14.97 -21.33
C SER A 838 -13.30 15.83 -20.70
N ASP A 839 -14.56 15.51 -20.98
CA ASP A 839 -15.67 16.11 -20.24
C ASP A 839 -16.00 15.25 -19.04
N TRP A 840 -16.79 15.79 -18.12
CA TRP A 840 -17.06 15.11 -16.86
C TRP A 840 -18.49 15.33 -16.40
N TYR A 841 -19.13 14.27 -15.93
CA TYR A 841 -20.47 14.37 -15.37
C TYR A 841 -20.44 14.26 -13.86
N ASN A 842 -21.25 15.07 -13.20
CA ASN A 842 -21.45 14.87 -11.79
C ASN A 842 -22.29 13.59 -11.57
N PHE A 843 -21.74 12.67 -10.79
CA PHE A 843 -22.36 11.36 -10.66
C PHE A 843 -23.77 11.47 -10.08
N TYR A 844 -23.94 12.41 -9.15
CA TYR A 844 -25.19 12.57 -8.40
C TYR A 844 -26.27 13.38 -9.12
N THR A 845 -25.85 14.37 -9.91
CA THR A 845 -26.80 15.34 -10.47
C THR A 845 -26.89 15.27 -11.99
N GLY A 846 -25.81 14.86 -12.63
CA GLY A 846 -25.81 14.74 -14.09
C GLY A 846 -25.24 15.94 -14.82
N GLU A 847 -24.95 17.01 -14.09
CA GLU A 847 -24.38 18.21 -14.67
C GLU A 847 -23.11 17.84 -15.42
N LYS A 848 -22.97 18.37 -16.64
CA LYS A 848 -21.79 18.13 -17.45
C LYS A 848 -20.83 19.31 -17.35
N LEU A 849 -19.56 19.03 -17.09
CA LEU A 849 -18.55 20.07 -16.96
C LEU A 849 -17.42 19.78 -17.93
N ALA A 850 -16.65 20.81 -18.27
CA ALA A 850 -15.52 20.64 -19.15
C ALA A 850 -14.28 20.40 -18.30
N GLY A 851 -13.33 19.66 -18.85
CA GLY A 851 -12.06 19.44 -18.16
C GLY A 851 -11.10 20.60 -18.36
N GLY A 852 -9.91 20.46 -17.79
CA GLY A 852 -8.88 21.48 -17.86
C GLY A 852 -9.12 22.64 -16.92
N GLN A 853 -9.94 22.42 -15.90
CA GLN A 853 -10.25 23.46 -14.93
C GLN A 853 -10.33 22.89 -13.52
N THR A 854 -10.13 23.76 -12.53
CA THR A 854 -10.41 23.40 -11.15
C THR A 854 -11.73 24.03 -10.69
N ILE A 855 -12.61 23.22 -10.13
CA ILE A 855 -13.89 23.72 -9.64
C ILE A 855 -13.94 23.67 -8.13
N THR A 856 -14.90 24.38 -7.55
CA THR A 856 -15.21 24.20 -6.14
C THR A 856 -16.42 23.28 -6.04
N ALA A 857 -16.13 22.00 -5.82
CA ALA A 857 -17.13 20.95 -5.90
C ALA A 857 -17.98 20.94 -4.65
N ASP A 858 -19.30 20.85 -4.82
CA ASP A 858 -20.17 20.73 -3.66
C ASP A 858 -19.90 19.41 -2.93
N ALA A 859 -19.68 19.48 -1.61
CA ALA A 859 -19.39 18.31 -0.81
C ALA A 859 -20.09 18.36 0.55
N PRO A 860 -21.41 18.25 0.56
CA PRO A 860 -22.13 18.19 1.83
C PRO A 860 -21.68 16.95 2.60
N LEU A 861 -21.94 16.91 3.91
CA LEU A 861 -21.49 15.78 4.71
C LEU A 861 -21.81 14.42 4.06
N ALA A 862 -23.04 14.27 3.56
CA ALA A 862 -23.52 13.00 3.04
C ALA A 862 -22.92 12.55 1.70
N ARG A 863 -22.17 13.41 1.01
CA ARG A 863 -21.67 13.04 -0.30
C ARG A 863 -20.19 13.39 -0.50
N VAL A 864 -19.43 12.43 -1.02
CA VAL A 864 -18.09 12.70 -1.52
C VAL A 864 -18.19 13.12 -2.98
N PRO A 865 -17.47 14.19 -3.36
CA PRO A 865 -17.45 14.65 -4.76
C PRO A 865 -17.03 13.54 -5.73
N LEU A 866 -17.89 13.21 -6.70
CA LEU A 866 -17.63 12.10 -7.58
C LEU A 866 -17.95 12.49 -9.02
N PHE A 867 -17.04 12.22 -9.94
CA PHE A 867 -17.25 12.60 -11.33
C PHE A 867 -17.05 11.45 -12.31
N VAL A 868 -17.90 11.41 -13.32
CA VAL A 868 -17.75 10.40 -14.36
C VAL A 868 -17.17 10.98 -15.64
N LYS A 869 -16.22 10.27 -16.22
CA LYS A 869 -15.58 10.71 -17.44
C LYS A 869 -16.53 10.46 -18.60
N ALA A 870 -16.75 11.49 -19.40
CA ALA A 870 -17.55 11.37 -20.63
C ALA A 870 -17.05 10.21 -21.49
N GLY A 871 -17.96 9.28 -21.82
CA GLY A 871 -17.58 8.10 -22.56
C GLY A 871 -17.63 6.83 -21.70
N ALA A 872 -17.74 6.98 -20.38
CA ALA A 872 -17.81 5.81 -19.49
C ALA A 872 -19.05 5.02 -19.82
N ILE A 873 -18.92 3.70 -19.74
CA ILE A 873 -20.09 2.84 -19.79
C ILE A 873 -20.07 2.13 -18.46
N VAL A 874 -20.98 2.49 -17.57
CA VAL A 874 -20.98 1.91 -16.25
C VAL A 874 -22.11 0.90 -16.05
N PRO A 875 -21.76 -0.37 -15.87
CA PRO A 875 -22.80 -1.36 -15.57
C PRO A 875 -23.10 -1.40 -14.06
N THR A 876 -24.37 -1.42 -13.69
CA THR A 876 -24.82 -1.70 -12.32
C THR A 876 -25.78 -2.90 -12.28
N GLY A 877 -25.98 -3.46 -11.09
CA GLY A 877 -26.85 -4.62 -10.89
C GLY A 877 -27.98 -4.23 -9.97
N PRO A 878 -28.78 -5.21 -9.54
CA PRO A 878 -29.82 -4.93 -8.54
C PRO A 878 -29.14 -4.71 -7.19
N LEU A 879 -29.88 -4.17 -6.22
CA LEU A 879 -29.43 -4.15 -4.83
C LEU A 879 -29.34 -5.58 -4.28
N ILE A 880 -28.19 -5.90 -3.72
CA ILE A 880 -27.92 -7.23 -3.21
C ILE A 880 -27.28 -7.10 -1.84
N GLN A 881 -27.28 -8.18 -1.05
CA GLN A 881 -26.76 -8.12 0.32
C GLN A 881 -25.39 -8.75 0.42
N HIS A 882 -24.99 -9.41 -0.65
CA HIS A 882 -23.71 -10.11 -0.69
C HIS A 882 -23.54 -10.64 -2.10
N VAL A 883 -22.29 -10.74 -2.53
CA VAL A 883 -22.00 -10.94 -3.95
C VAL A 883 -22.69 -12.10 -4.66
N ASP A 884 -22.81 -13.26 -4.02
CA ASP A 884 -23.46 -14.38 -4.71
C ASP A 884 -24.90 -14.07 -5.14
N GLU A 885 -25.59 -13.23 -4.38
CA GLU A 885 -26.95 -12.84 -4.73
C GLU A 885 -27.02 -12.21 -6.12
N GLY A 886 -25.93 -11.55 -6.52
CA GLY A 886 -25.93 -10.80 -7.76
C GLY A 886 -25.31 -11.51 -8.95
N LEU A 887 -25.09 -12.81 -8.82
CA LEU A 887 -24.59 -13.60 -9.93
C LEU A 887 -25.69 -13.75 -11.01
N ASN A 888 -25.33 -13.62 -12.28
CA ASN A 888 -26.33 -13.69 -13.33
C ASN A 888 -27.42 -12.63 -13.16
N SER A 889 -27.11 -11.54 -12.46
CA SER A 889 -28.14 -10.54 -12.19
C SER A 889 -28.55 -9.76 -13.45
N PRO A 890 -29.72 -9.11 -13.37
CA PRO A 890 -30.13 -8.11 -14.34
C PRO A 890 -29.16 -6.94 -14.31
N LEU A 891 -28.88 -6.34 -15.46
CA LEU A 891 -27.92 -5.24 -15.58
C LEU A 891 -28.57 -3.93 -16.04
N LEU A 892 -28.14 -2.83 -15.45
CA LEU A 892 -28.39 -1.51 -15.99
C LEU A 892 -27.09 -1.00 -16.61
N ILE A 893 -27.11 -0.71 -17.90
CA ILE A 893 -25.94 -0.14 -18.57
C ILE A 893 -26.19 1.33 -18.73
N THR A 894 -25.32 2.12 -18.10
CA THR A 894 -25.44 3.57 -18.16
C THR A 894 -24.29 4.14 -18.99
N VAL A 895 -24.66 4.84 -20.06
CA VAL A 895 -23.70 5.42 -20.97
C VAL A 895 -23.64 6.92 -20.75
N TYR A 896 -22.46 7.41 -20.42
CA TYR A 896 -22.22 8.84 -20.23
C TYR A 896 -21.70 9.41 -21.53
N THR A 897 -22.60 10.05 -22.26
CA THR A 897 -22.37 10.46 -23.64
C THR A 897 -21.40 11.64 -23.74
N GLY A 898 -20.95 11.93 -24.96
CA GLY A 898 -20.04 13.04 -25.18
C GLY A 898 -18.71 12.54 -25.69
N ALA A 899 -18.54 11.22 -25.67
CA ALA A 899 -17.36 10.58 -26.21
C ALA A 899 -17.58 9.08 -26.44
N ASN A 900 -16.78 8.46 -27.28
CA ASN A 900 -16.85 7.01 -27.45
C ASN A 900 -16.56 6.21 -26.19
N GLY A 901 -17.08 5.00 -26.12
CA GLY A 901 -16.92 4.20 -24.93
C GLY A 901 -16.66 2.73 -25.20
N SER A 902 -16.13 2.05 -24.20
CA SER A 902 -15.78 0.65 -24.35
C SER A 902 -15.59 0.03 -22.97
N PHE A 903 -16.32 -1.02 -22.69
CA PHE A 903 -16.22 -1.66 -21.40
C PHE A 903 -16.74 -3.08 -21.54
N ASP A 904 -15.88 -4.05 -21.27
CA ASP A 904 -16.29 -5.44 -21.38
C ASP A 904 -16.52 -6.04 -20.00
N ILE A 905 -17.78 -6.32 -19.69
CA ILE A 905 -18.16 -6.82 -18.36
C ILE A 905 -17.64 -8.24 -18.14
N TYR A 906 -16.90 -8.42 -17.04
CA TYR A 906 -16.29 -9.71 -16.75
C TYR A 906 -17.13 -10.46 -15.73
N GLU A 907 -17.48 -11.70 -16.05
CA GLU A 907 -18.22 -12.55 -15.10
C GLU A 907 -17.66 -13.98 -15.01
N ASP A 908 -17.81 -14.61 -13.84
CA ASP A 908 -17.39 -15.99 -13.62
C ASP A 908 -17.94 -16.45 -12.27
N ASP A 909 -17.62 -17.67 -11.83
CA ASP A 909 -18.32 -18.19 -10.64
C ASP A 909 -17.94 -17.46 -9.35
N GLY A 910 -16.85 -16.69 -9.37
CA GLY A 910 -16.46 -15.90 -8.22
C GLY A 910 -15.70 -16.61 -7.10
N ARG A 911 -15.68 -17.94 -7.12
CA ARG A 911 -15.07 -18.70 -6.02
C ARG A 911 -14.04 -19.75 -6.41
N SER A 912 -14.18 -20.32 -7.61
CA SER A 912 -13.37 -21.47 -8.03
C SER A 912 -12.09 -21.07 -8.76
N LEU A 913 -11.24 -22.04 -9.10
CA LEU A 913 -10.07 -21.74 -9.96
C LEU A 913 -10.36 -22.02 -11.43
N LYS A 914 -11.60 -22.41 -11.71
CA LYS A 914 -11.97 -22.72 -13.09
C LYS A 914 -11.65 -21.57 -14.08
N TYR A 915 -11.58 -20.34 -13.61
CA TYR A 915 -11.32 -19.23 -14.56
C TYR A 915 -9.96 -19.41 -15.21
N GLN A 916 -9.10 -20.19 -14.58
CA GLN A 916 -7.77 -20.41 -15.11
C GLN A 916 -7.78 -21.36 -16.29
N GLN A 917 -8.83 -22.20 -16.36
CA GLN A 917 -9.05 -23.07 -17.52
C GLN A 917 -10.03 -22.45 -18.52
N GLY A 918 -10.27 -21.16 -18.41
CA GLY A 918 -11.10 -20.47 -19.38
C GLY A 918 -12.57 -20.35 -19.02
N GLU A 919 -12.95 -20.79 -17.83
CA GLU A 919 -14.34 -20.68 -17.43
C GLU A 919 -14.63 -19.28 -16.88
N TRP A 920 -14.95 -18.38 -17.81
CA TRP A 920 -15.33 -16.99 -17.56
C TRP A 920 -15.99 -16.40 -18.82
N SER A 921 -16.62 -15.24 -18.71
CA SER A 921 -17.25 -14.63 -19.86
C SER A 921 -17.03 -13.12 -19.86
N ARG A 922 -17.14 -12.53 -21.05
CA ARG A 922 -17.12 -11.09 -21.24
C ARG A 922 -18.33 -10.70 -22.08
N ILE A 923 -19.04 -9.68 -21.64
CA ILE A 923 -20.10 -9.09 -22.43
C ILE A 923 -19.64 -7.70 -22.88
N PRO A 924 -19.19 -7.60 -24.14
CA PRO A 924 -18.56 -6.41 -24.73
C PRO A 924 -19.56 -5.26 -24.90
N LEU A 925 -19.24 -4.08 -24.38
CA LEU A 925 -20.07 -2.90 -24.59
C LEU A 925 -19.27 -1.86 -25.34
N SER A 926 -19.85 -1.35 -26.43
CA SER A 926 -19.16 -0.39 -27.27
C SER A 926 -20.09 0.77 -27.60
N TYR A 927 -19.67 1.98 -27.30
CA TYR A 927 -20.50 3.13 -27.61
C TYR A 927 -19.86 4.10 -28.60
N ASP A 928 -20.64 4.47 -29.62
CA ASP A 928 -20.22 5.42 -30.64
C ASP A 928 -21.02 6.68 -30.45
N ASP A 929 -20.34 7.76 -30.13
CA ASP A 929 -21.04 8.99 -29.75
C ASP A 929 -21.60 9.76 -30.94
N VAL A 930 -20.95 9.65 -32.08
CA VAL A 930 -21.43 10.33 -33.28
C VAL A 930 -22.80 9.81 -33.72
N THR A 931 -22.93 8.48 -33.79
CA THR A 931 -24.16 7.81 -34.15
C THR A 931 -25.07 7.56 -32.94
N GLY A 932 -24.52 7.78 -31.74
CA GLY A 932 -25.31 7.59 -30.53
C GLY A 932 -25.74 6.15 -30.30
N THR A 933 -24.89 5.20 -30.64
CA THR A 933 -25.29 3.80 -30.57
C THR A 933 -24.44 2.99 -29.58
N LEU A 934 -25.12 2.36 -28.62
CA LEU A 934 -24.50 1.31 -27.81
C LEU A 934 -24.69 -0.07 -28.43
N ILE A 935 -23.59 -0.71 -28.75
CA ILE A 935 -23.60 -2.11 -29.15
C ILE A 935 -23.25 -2.99 -27.95
N ILE A 936 -24.16 -3.89 -27.59
CA ILE A 936 -23.84 -4.98 -26.66
C ILE A 936 -23.40 -6.13 -27.55
N GLY A 937 -22.10 -6.38 -27.58
CA GLY A 937 -21.56 -7.35 -28.50
C GLY A 937 -21.88 -8.79 -28.14
N ASP A 938 -21.40 -9.71 -28.98
CA ASP A 938 -21.52 -11.15 -28.72
C ASP A 938 -20.80 -11.51 -27.42
N ARG A 939 -21.46 -12.30 -26.57
CA ARG A 939 -20.78 -12.77 -25.37
C ARG A 939 -19.57 -13.63 -25.73
N VAL A 940 -18.47 -13.42 -25.03
CA VAL A 940 -17.28 -14.24 -25.23
C VAL A 940 -17.11 -15.13 -24.04
N GLY A 941 -16.86 -16.42 -24.26
CA GLY A 941 -16.64 -17.34 -23.17
C GLY A 941 -17.91 -17.86 -22.49
N SER A 942 -17.70 -18.66 -21.47
CA SER A 942 -18.80 -19.32 -20.75
C SER A 942 -18.24 -19.97 -19.50
N PHE A 943 -19.09 -20.19 -18.50
CA PHE A 943 -18.64 -20.86 -17.29
C PHE A 943 -19.78 -21.57 -16.60
N THR A 944 -19.46 -22.53 -15.74
CA THR A 944 -20.49 -23.34 -15.09
C THR A 944 -21.36 -22.50 -14.18
N GLY A 945 -22.69 -22.53 -14.39
CA GLY A 945 -23.59 -21.69 -13.65
C GLY A 945 -23.99 -20.38 -14.36
N MET A 946 -23.32 -20.07 -15.47
CA MET A 946 -23.67 -18.89 -16.23
C MET A 946 -25.06 -19.01 -16.90
N ALA A 947 -25.88 -17.99 -16.73
CA ALA A 947 -27.18 -17.88 -17.38
C ALA A 947 -27.00 -17.50 -18.87
N ASP A 948 -27.65 -18.23 -19.76
CA ASP A 948 -27.57 -17.90 -21.19
C ASP A 948 -28.29 -16.59 -21.49
N GLU A 949 -29.43 -16.38 -20.83
CA GLU A 949 -30.22 -15.17 -21.07
C GLU A 949 -30.07 -14.16 -19.94
N ARG A 950 -30.02 -12.88 -20.30
CA ARG A 950 -29.83 -11.82 -19.32
C ARG A 950 -30.81 -10.70 -19.61
N ASN A 951 -31.36 -10.12 -18.55
CA ASN A 951 -32.22 -8.95 -18.70
C ASN A 951 -31.36 -7.73 -18.52
N ILE A 952 -31.23 -6.95 -19.58
CA ILE A 952 -30.36 -5.79 -19.54
C ILE A 952 -31.13 -4.56 -19.96
N ARG A 953 -31.08 -3.50 -19.17
CA ARG A 953 -31.62 -2.24 -19.66
C ARG A 953 -30.54 -1.20 -19.91
N VAL A 954 -30.79 -0.28 -20.83
CA VAL A 954 -29.77 0.68 -21.23
C VAL A 954 -30.28 2.12 -21.17
N ARG A 955 -29.53 3.00 -20.54
CA ARG A 955 -29.89 4.40 -20.51
C ARG A 955 -28.68 5.27 -20.82
N PHE A 956 -28.93 6.51 -21.24
CA PHE A 956 -27.88 7.43 -21.65
C PHE A 956 -28.06 8.69 -20.86
N ILE A 957 -26.98 9.14 -20.23
CA ILE A 957 -26.94 10.41 -19.50
C ILE A 957 -26.18 11.46 -20.32
N ALA A 958 -26.76 12.65 -20.47
CA ALA A 958 -26.16 13.67 -21.34
C ALA A 958 -26.19 15.03 -20.68
N GLY A 959 -26.54 15.05 -19.41
CA GLY A 959 -26.75 16.32 -18.74
C GLY A 959 -27.60 16.05 -17.52
N PRO A 960 -28.00 17.11 -16.82
CA PRO A 960 -28.73 17.07 -15.54
C PRO A 960 -29.94 16.15 -15.63
N THR A 961 -30.10 15.30 -14.62
CA THR A 961 -31.19 14.34 -14.52
C THR A 961 -31.43 13.96 -13.06
N ALA A 962 -32.69 13.96 -12.65
CA ALA A 962 -33.04 13.65 -11.28
C ALA A 962 -32.80 12.17 -10.93
N ASP A 963 -32.69 11.34 -11.96
CA ASP A 963 -32.49 9.91 -11.76
C ASP A 963 -31.03 9.49 -11.87
N ALA A 964 -30.12 10.43 -11.69
CA ALA A 964 -28.70 10.13 -11.90
C ALA A 964 -28.22 8.86 -11.17
N THR A 965 -28.67 8.64 -9.94
CA THR A 965 -28.28 7.45 -9.19
C THR A 965 -29.47 6.58 -8.79
N ASN A 966 -30.63 6.85 -9.37
CA ASN A 966 -31.81 6.06 -9.07
C ASN A 966 -31.93 4.84 -9.99
N PHE A 967 -31.04 3.87 -9.76
CA PHE A 967 -30.81 2.78 -10.69
C PHE A 967 -32.04 1.94 -11.00
N ASP A 968 -32.81 1.62 -9.97
CA ASP A 968 -33.97 0.75 -10.15
C ASP A 968 -35.11 1.39 -10.96
N LYS A 969 -35.30 2.70 -10.79
CA LYS A 969 -36.47 3.38 -11.31
C LYS A 969 -36.20 4.20 -12.58
N ALA A 970 -34.94 4.39 -12.95
CA ALA A 970 -34.60 5.18 -14.14
C ALA A 970 -35.28 4.69 -15.43
N ALA A 971 -35.72 5.64 -16.25
CA ALA A 971 -36.17 5.30 -17.59
C ALA A 971 -35.01 4.68 -18.34
N ALA A 972 -35.24 3.56 -19.00
CA ALA A 972 -34.19 2.90 -19.74
C ALA A 972 -34.82 1.88 -20.65
N GLU A 973 -34.19 1.65 -21.79
CA GLU A 973 -34.70 0.70 -22.76
C GLU A 973 -34.27 -0.71 -22.41
N ALA A 974 -35.23 -1.63 -22.37
CA ALA A 974 -35.00 -2.98 -21.92
C ALA A 974 -34.77 -3.93 -23.09
N VAL A 975 -33.88 -4.89 -22.88
CA VAL A 975 -33.41 -5.79 -23.91
C VAL A 975 -33.25 -7.20 -23.31
N THR A 976 -33.76 -8.22 -24.00
CA THR A 976 -33.52 -9.59 -23.59
C THR A 976 -32.32 -10.17 -24.34
N TYR A 977 -31.17 -10.14 -23.69
CA TYR A 977 -29.91 -10.50 -24.29
C TYR A 977 -29.65 -12.00 -24.14
N THR A 978 -29.31 -12.66 -25.24
CA THR A 978 -29.03 -14.08 -25.22
C THR A 978 -27.62 -14.41 -25.68
N GLY A 979 -26.69 -13.47 -25.52
CA GLY A 979 -25.34 -13.68 -26.02
C GLY A 979 -25.13 -13.16 -27.44
N LYS A 980 -26.22 -12.81 -28.12
CA LYS A 980 -26.12 -12.26 -29.48
C LYS A 980 -26.08 -10.74 -29.48
N SER A 981 -25.22 -10.20 -30.34
CA SER A 981 -25.07 -8.76 -30.48
C SER A 981 -26.40 -8.05 -30.74
N VAL A 982 -26.54 -6.88 -30.14
CA VAL A 982 -27.77 -6.11 -30.20
C VAL A 982 -27.39 -4.63 -30.04
N SER A 983 -28.07 -3.74 -30.76
CA SER A 983 -27.74 -2.31 -30.75
C SER A 983 -28.86 -1.48 -30.15
N ILE A 984 -28.52 -0.43 -29.43
CA ILE A 984 -29.53 0.41 -28.81
C ILE A 984 -29.24 1.85 -29.13
N LYS A 985 -30.11 2.48 -29.91
CA LYS A 985 -29.94 3.88 -30.24
C LYS A 985 -30.32 4.74 -29.04
N ARG A 986 -29.48 5.73 -28.78
CA ARG A 986 -29.79 6.82 -27.88
C ARG A 986 -31.09 7.49 -28.30
N PRO A 987 -31.90 7.93 -27.34
CA PRO A 987 -33.15 8.66 -27.64
C PRO A 987 -32.92 10.05 -28.25
N ARG A 988 -33.80 10.47 -29.17
CA ARG A 988 -33.65 11.75 -29.89
C ARG A 988 -33.64 12.96 -28.96
#